data_7AAP
#
_entry.id   7AAP
#
_cell.length_a   1.00
_cell.length_b   1.00
_cell.length_c   1.00
_cell.angle_alpha   90.00
_cell.angle_beta   90.00
_cell.angle_gamma   90.00
#
_symmetry.space_group_name_H-M   'P 1'
#
loop_
_entity.id
_entity.type
_entity.pdbx_description
1 polymer 'Non-structural protein 12'
2 polymer 'Non-structural protein 8'
3 polymer 'Non-structural protein 7'
4 polymer "RNA (5'-R(P*UP*UP*AP*AP*GP*UP*UP*AP*U)-3')"
5 polymer "RNA (5'-R(P*UP*UP*CP*AP*UP*AP*AP*CP*UP*UP*AP*A)-3')"
6 non-polymer 'ZINC ION'
7 non-polymer 'MAGNESIUM ION'
8 non-polymer 'PYROPHOSPHATE 2-'
9 non-polymer '[[(2~{R},3~{S},4~{R},5~{R})-5-(3-aminocarbonyl-5-fluoranyl-2-oxidanylidene-pyrazin-1-yl)-3,4-bis(oxidanyl)oxolan-2-yl]methoxy-oxidanyl-phosphoryl] phosphono hydrogen phosphate'
#
loop_
_entity_poly.entity_id
_entity_poly.type
_entity_poly.pdbx_seq_one_letter_code
_entity_poly.pdbx_strand_id
1 'polypeptide(L)'
;SADAQSFLNRVCGVSAARLTPCGTGTSTDVVYRAFDIYNDKVAGFAKFLKTNCCRFQEKDEDDNLIDSYFVVKRHTFSNY
QHEETIYNLLKDCPAVAKHDFFKFRIDGDMVPHISRQRLTKYTMADLVYALRHFDEGNCDTLKEILVTYNCCDDDYFNKK
DWYDFVENPDILRVYANLGERVRQALLKTVQFCDAMRNAGIVGVLTLDNQDLNGNWYDFGDFIQTTPGSGVPVVDSYYSL
LMPILTLTRALTAESHVDTDLTKPYIKWDLLKYDFTEERLKLFDRYFKYWDQTYHPNCVNCLDDRCILHCANFNVLFSTV
FPPTSFGPLVRKIFVDGVPFVVSTGYHFRELGVVHNQDVNLHSSRLSFKELLVYAADPAMHAASGNLLLDKRTTCFSVAA
LTNNVAFQTVKPGNFNKDFYDFAVSKGFFKEGSSVELKHFFFAQDGNAAISDYDYYRYNLPTMCDIRQLLFVVEVVDKYF
DCYDGGCINANQVIVNNLDKSAGFPFNKWGKARLYYDSMSYEDQDALFAYTKRNVIPTITQMNLKYAISAKNRARTVAGV
SICSTMTNRQFHQKLLKSIAATRGATVVIGTSKFYGGWHNMLKTVYSDVENPHLMGWDYPKCDRAMPNMLRIMASLVLAR
KHTTCCSLSHRFYRLANECAQVLSEMVMCGGSLYVKPGGTSSGDATTAYANSVFNICQAVTANVNALLSTDGNKIADKYV
RNLQHRLYECLYRNRDVDTDFVNEFYAYLRKHFSMMILSDDAVVCFNSTYASQGLVASIKNFKSVLYYQNNVFMSEAKCW
TETDLTKGPHEFCSQHTMLVKQGDDYVYLPYPDPSRILGAGCFVDDIVKTDGTLMIERFVSLAIDAYPLTKHPNQEYADV
FHLYLQYIRKLHDELTGHMLDMYSVMLTNDNTSRYWEPEFYEAMYTPHTVLQENLYFQSWSHPQFEKGGGSGGGSGGGSW
SHPQFEK
;
A
2 'polypeptide(L)'
;AIASEFSSLPSYAAFATAQEAYEQAVANGDSEVVLKKLKKSLNVAKSEFDRDAAMQRKLEKMADQAMTQMYKQARSEDKR
AKVTSAMQTMLFTMLRKLDNDALNNIINNARDGCVPLNIIPLTTAAKLMVVIPDYNTYKNTCDGTTFTYASALWEIQQVV
DADSKIVQLSEISMDNSPNLAWPLIVTALRANSAVKLQ
;
B,D
3 'polypeptide(L)'
;SKMSDVKCTSVVLLSVLQQLRVESSSKLWAQCVQLHNDILLAKDTTEAFEKMVSLLSVLLSMQGAVDINKLCEEMLDNRA
TLQ
;
C
4 'polyribonucleotide' CAGUGCUAUGUGAGAUUAAGUUAU P
5 'polyribonucleotide' UUUUUCAUAACUUAAUCUCACAUAGCACUG T
#
# COMPACT_ATOMS: atom_id res chain seq x y z
N ALA A 4 -10.47 4.29 -58.27
CA ALA A 4 -10.34 4.43 -56.82
C ALA A 4 -11.70 4.30 -56.14
N GLN A 5 -12.73 4.85 -56.78
CA GLN A 5 -14.07 4.78 -56.21
C GLN A 5 -14.61 3.35 -56.20
N SER A 6 -14.25 2.54 -57.19
CA SER A 6 -14.72 1.16 -57.25
C SER A 6 -14.18 0.36 -56.06
N PHE A 7 -12.94 0.60 -55.67
CA PHE A 7 -12.37 -0.10 -54.52
C PHE A 7 -13.13 0.25 -53.24
N LEU A 8 -13.49 1.52 -53.08
CA LEU A 8 -14.27 1.91 -51.90
C LEU A 8 -15.65 1.27 -51.91
N ASN A 9 -16.27 1.17 -53.08
CA ASN A 9 -17.59 0.54 -53.19
C ASN A 9 -17.52 -0.92 -52.80
N ARG A 10 -16.49 -1.64 -53.23
CA ARG A 10 -16.36 -3.05 -52.87
C ARG A 10 -16.06 -3.22 -51.39
N VAL A 11 -15.35 -2.27 -50.78
CA VAL A 11 -15.11 -2.32 -49.34
C VAL A 11 -16.42 -2.18 -48.58
N CYS A 12 -17.34 -1.37 -49.10
CA CYS A 12 -18.65 -1.21 -48.46
C CYS A 12 -19.40 -2.54 -48.41
N GLY A 13 -19.34 -3.30 -49.49
CA GLY A 13 -19.94 -4.64 -49.48
C GLY A 13 -21.45 -4.62 -49.53
N VAL A 14 -22.04 -5.73 -49.07
CA VAL A 14 -23.49 -5.87 -49.08
C VAL A 14 -24.12 -4.89 -48.10
N SER A 15 -23.49 -4.67 -46.94
CA SER A 15 -24.01 -3.73 -45.97
C SER A 15 -23.93 -2.30 -46.53
N ALA A 16 -24.97 -1.53 -46.28
CA ALA A 16 -25.07 -0.16 -46.79
C ALA A 16 -24.65 0.79 -45.68
N ALA A 17 -23.40 1.25 -45.75
CA ALA A 17 -22.88 2.19 -44.76
C ALA A 17 -21.87 3.11 -45.43
N ARG A 18 -21.98 4.40 -45.13
CA ARG A 18 -21.02 5.37 -45.66
C ARG A 18 -19.65 5.16 -45.04
N LEU A 19 -18.61 5.21 -45.88
CA LEU A 19 -17.25 4.94 -45.45
C LEU A 19 -16.33 6.03 -45.99
N THR A 20 -15.98 6.99 -45.14
CA THR A 20 -15.02 8.00 -45.54
C THR A 20 -13.61 7.38 -45.56
N PRO A 21 -12.78 7.74 -46.54
CA PRO A 21 -11.44 7.16 -46.62
C PRO A 21 -10.47 7.83 -45.66
N CYS A 22 -9.44 7.07 -45.29
CA CYS A 22 -8.35 7.57 -44.46
C CYS A 22 -7.07 7.82 -45.25
N GLY A 23 -6.75 6.96 -46.21
CA GLY A 23 -5.60 7.16 -47.05
C GLY A 23 -5.89 8.12 -48.19
N THR A 24 -4.85 8.38 -48.98
CA THR A 24 -4.96 9.30 -50.12
C THR A 24 -5.28 8.56 -51.41
N GLY A 25 -4.45 7.60 -51.78
CA GLY A 25 -4.65 6.85 -53.01
C GLY A 25 -4.97 5.39 -52.79
N THR A 26 -5.82 5.11 -51.81
CA THR A 26 -6.19 3.74 -51.43
C THR A 26 -4.95 2.90 -51.10
N SER A 27 -4.02 3.51 -50.36
CA SER A 27 -2.79 2.84 -49.95
C SER A 27 -2.87 2.45 -48.48
N THR A 28 -1.81 1.84 -47.99
CA THR A 28 -1.76 1.38 -46.61
C THR A 28 -1.67 2.55 -45.65
N ASP A 29 -2.08 2.32 -44.41
CA ASP A 29 -2.05 3.31 -43.35
C ASP A 29 -1.02 2.90 -42.30
N VAL A 30 -0.32 3.90 -41.74
CA VAL A 30 0.74 3.67 -40.78
C VAL A 30 0.31 4.24 -39.44
N VAL A 31 0.26 3.38 -38.41
CA VAL A 31 -0.10 3.78 -37.06
C VAL A 31 0.78 3.04 -36.08
N TYR A 32 0.83 3.55 -34.84
CA TYR A 32 1.53 2.91 -33.74
C TYR A 32 0.52 2.15 -32.89
N ARG A 33 0.69 0.83 -32.79
CA ARG A 33 -0.22 -0.01 -32.04
C ARG A 33 0.58 -1.01 -31.22
N ALA A 34 0.01 -1.40 -30.08
CA ALA A 34 0.64 -2.38 -29.21
C ALA A 34 0.31 -3.79 -29.69
N PHE A 35 1.32 -4.65 -29.75
CA PHE A 35 1.15 -6.02 -30.22
C PHE A 35 1.80 -6.99 -29.26
N ASP A 36 1.09 -8.07 -28.94
CA ASP A 36 1.65 -9.20 -28.19
C ASP A 36 2.18 -10.18 -29.22
N ILE A 37 3.50 -10.21 -29.40
CA ILE A 37 4.13 -10.95 -30.48
C ILE A 37 5.09 -11.98 -29.91
N TYR A 38 5.13 -13.15 -30.52
CA TYR A 38 6.10 -14.18 -30.16
C TYR A 38 6.33 -15.06 -31.38
N ASN A 39 7.50 -14.94 -32.00
CA ASN A 39 7.88 -15.77 -33.12
C ASN A 39 9.33 -16.18 -32.95
N ASP A 40 9.92 -16.75 -34.00
CA ASP A 40 11.31 -17.21 -33.92
C ASP A 40 12.31 -16.07 -33.87
N LYS A 41 11.89 -14.83 -34.09
CA LYS A 41 12.78 -13.67 -34.06
C LYS A 41 12.47 -12.71 -32.92
N VAL A 42 11.23 -12.23 -32.83
CA VAL A 42 10.85 -11.17 -31.91
C VAL A 42 9.86 -11.72 -30.90
N ALA A 43 10.05 -11.39 -29.63
CA ALA A 43 9.15 -11.81 -28.57
C ALA A 43 9.03 -10.67 -27.56
N GLY A 44 7.81 -10.18 -27.38
CA GLY A 44 7.59 -9.13 -26.41
C GLY A 44 6.21 -8.53 -26.58
N PHE A 45 5.90 -7.61 -25.67
CA PHE A 45 4.63 -6.87 -25.68
C PHE A 45 4.98 -5.39 -25.80
N ALA A 46 5.09 -4.90 -27.03
CA ALA A 46 5.53 -3.53 -27.29
C ALA A 46 4.77 -2.97 -28.47
N LYS A 47 5.00 -1.68 -28.73
CA LYS A 47 4.40 -1.02 -29.88
C LYS A 47 5.25 -1.24 -31.12
N PHE A 48 4.59 -1.49 -32.24
CA PHE A 48 5.26 -1.72 -33.51
C PHE A 48 4.63 -0.87 -34.61
N LEU A 49 5.04 -1.10 -35.86
CA LEU A 49 4.49 -0.39 -37.01
C LEU A 49 3.53 -1.31 -37.74
N LYS A 50 2.26 -0.89 -37.83
CA LYS A 50 1.22 -1.65 -38.53
C LYS A 50 0.96 -0.95 -39.85
N THR A 51 1.69 -1.36 -40.89
CA THR A 51 1.62 -0.74 -42.20
C THR A 51 1.01 -1.66 -43.25
N ASN A 52 0.15 -2.59 -42.83
CA ASN A 52 -0.47 -3.53 -43.74
C ASN A 52 -1.98 -3.37 -43.83
N CYS A 53 -2.56 -2.38 -43.16
CA CYS A 53 -4.00 -2.18 -43.14
C CYS A 53 -4.36 -0.84 -43.77
N CYS A 54 -5.58 -0.76 -44.29
CA CYS A 54 -6.13 0.47 -44.86
C CYS A 54 -7.46 0.74 -44.17
N ARG A 55 -7.44 1.55 -43.13
CA ARG A 55 -8.64 1.81 -42.35
C ARG A 55 -9.65 2.63 -43.15
N PHE A 56 -10.92 2.43 -42.85
CA PHE A 56 -12.02 3.16 -43.49
C PHE A 56 -13.01 3.56 -42.38
N GLN A 57 -12.93 4.81 -41.95
CA GLN A 57 -13.86 5.31 -40.94
C GLN A 57 -15.27 5.35 -41.50
N GLU A 58 -16.24 4.96 -40.67
CA GLU A 58 -17.64 4.91 -41.08
C GLU A 58 -18.33 6.23 -40.75
N LYS A 59 -19.17 6.69 -41.68
CA LYS A 59 -19.94 7.92 -41.52
C LYS A 59 -21.39 7.55 -41.25
N ASP A 60 -21.87 7.90 -40.06
CA ASP A 60 -23.24 7.61 -39.66
C ASP A 60 -24.14 8.73 -40.20
N GLU A 61 -25.40 8.77 -39.76
CA GLU A 61 -26.31 9.83 -40.17
C GLU A 61 -25.79 11.18 -39.72
N ASP A 62 -26.08 12.21 -40.53
CA ASP A 62 -25.60 13.58 -40.34
C ASP A 62 -24.09 13.69 -40.50
N ASP A 63 -23.47 12.71 -41.15
CA ASP A 63 -22.05 12.70 -41.52
C ASP A 63 -21.12 12.73 -40.32
N ASN A 64 -21.63 12.58 -39.11
CA ASN A 64 -20.77 12.56 -37.92
C ASN A 64 -20.04 11.23 -37.84
N LEU A 65 -18.78 11.29 -37.39
CA LEU A 65 -17.97 10.09 -37.29
C LEU A 65 -18.39 9.26 -36.08
N ILE A 66 -18.21 7.94 -36.20
CA ILE A 66 -18.54 6.99 -35.15
C ILE A 66 -17.34 6.08 -34.92
N ASP A 67 -17.49 5.16 -33.97
CA ASP A 67 -16.40 4.25 -33.58
C ASP A 67 -16.64 2.90 -34.26
N SER A 68 -16.34 2.86 -35.56
CA SER A 68 -16.43 1.62 -36.34
C SER A 68 -15.62 1.80 -37.60
N TYR A 69 -14.64 0.93 -37.82
CA TYR A 69 -13.70 1.05 -38.92
C TYR A 69 -13.74 -0.17 -39.80
N PHE A 70 -13.35 0.01 -41.06
CA PHE A 70 -13.20 -1.07 -42.02
C PHE A 70 -11.72 -1.17 -42.39
N VAL A 71 -11.13 -2.34 -42.16
CA VAL A 71 -9.70 -2.55 -42.37
C VAL A 71 -9.50 -3.62 -43.43
N VAL A 72 -8.56 -3.37 -44.33
CA VAL A 72 -8.20 -4.31 -45.39
C VAL A 72 -6.72 -4.63 -45.25
N LYS A 73 -6.39 -5.91 -45.13
CA LYS A 73 -5.03 -6.35 -44.86
C LYS A 73 -4.25 -6.73 -46.12
N ARG A 74 -4.94 -7.32 -47.11
CA ARG A 74 -4.36 -7.67 -48.42
C ARG A 74 -3.03 -8.43 -48.27
N HIS A 75 -3.12 -9.58 -47.62
CA HIS A 75 -1.94 -10.43 -47.41
C HIS A 75 -1.72 -11.28 -48.66
N THR A 76 -0.84 -12.27 -48.56
CA THR A 76 -0.50 -13.11 -49.69
C THR A 76 -1.68 -14.01 -50.07
N PHE A 77 -1.62 -14.53 -51.30
CA PHE A 77 -2.68 -15.40 -51.80
C PHE A 77 -2.79 -16.68 -50.97
N SER A 78 -1.64 -17.25 -50.58
CA SER A 78 -1.66 -18.47 -49.79
C SER A 78 -2.31 -18.23 -48.43
N ASN A 79 -1.99 -17.11 -47.78
CA ASN A 79 -2.61 -16.78 -46.51
C ASN A 79 -4.10 -16.48 -46.68
N TYR A 80 -4.47 -15.90 -47.83
CA TYR A 80 -5.87 -15.56 -48.08
C TYR A 80 -6.74 -16.80 -48.09
N GLN A 81 -6.27 -17.88 -48.73
CA GLN A 81 -7.05 -19.12 -48.76
C GLN A 81 -7.11 -19.78 -47.39
N HIS A 82 -6.05 -19.66 -46.59
CA HIS A 82 -6.07 -20.23 -45.25
C HIS A 82 -7.14 -19.57 -44.38
N GLU A 83 -7.30 -18.24 -44.51
CA GLU A 83 -8.32 -17.54 -43.76
C GLU A 83 -9.73 -17.92 -44.21
N GLU A 84 -9.88 -18.43 -45.42
CA GLU A 84 -11.20 -18.85 -45.89
C GLU A 84 -11.74 -20.00 -45.07
N THR A 85 -10.93 -21.05 -44.90
CA THR A 85 -11.40 -22.24 -44.18
C THR A 85 -11.68 -21.94 -42.72
N ILE A 86 -10.80 -21.17 -42.07
CA ILE A 86 -10.97 -20.90 -40.65
C ILE A 86 -12.19 -20.04 -40.39
N TYR A 87 -12.39 -19.00 -41.21
CA TYR A 87 -13.53 -18.12 -41.01
C TYR A 87 -14.84 -18.86 -41.25
N ASN A 88 -14.89 -19.75 -42.25
CA ASN A 88 -16.11 -20.48 -42.54
C ASN A 88 -16.53 -21.34 -41.35
N LEU A 89 -15.56 -21.97 -40.69
CA LEU A 89 -15.86 -22.76 -39.51
C LEU A 89 -16.22 -21.90 -38.30
N LEU A 90 -16.02 -20.59 -38.37
CA LEU A 90 -16.24 -19.71 -37.22
C LEU A 90 -17.20 -18.57 -37.50
N LYS A 91 -17.86 -18.54 -38.66
CA LYS A 91 -18.78 -17.44 -38.94
C LYS A 91 -20.02 -17.49 -38.06
N ASP A 92 -20.39 -18.69 -37.61
CA ASP A 92 -21.59 -18.82 -36.78
C ASP A 92 -21.39 -18.32 -35.35
N CYS A 93 -20.15 -18.15 -34.93
CA CYS A 93 -19.89 -17.65 -33.57
C CYS A 93 -20.17 -16.16 -33.50
N PRO A 94 -21.03 -15.72 -32.58
CA PRO A 94 -21.29 -14.27 -32.46
C PRO A 94 -20.10 -13.46 -32.01
N ALA A 95 -19.08 -14.10 -31.44
CA ALA A 95 -17.89 -13.39 -30.98
C ALA A 95 -16.88 -13.13 -32.08
N VAL A 96 -17.15 -13.57 -33.30
CA VAL A 96 -16.24 -13.38 -34.42
C VAL A 96 -16.72 -12.19 -35.24
N ALA A 97 -15.82 -11.24 -35.47
CA ALA A 97 -16.16 -10.09 -36.30
C ALA A 97 -16.45 -10.53 -37.73
N LYS A 98 -17.40 -9.85 -38.36
CA LYS A 98 -17.79 -10.19 -39.73
C LYS A 98 -16.64 -9.96 -40.68
N HIS A 99 -16.39 -10.93 -41.55
CA HIS A 99 -15.33 -10.85 -42.55
C HIS A 99 -15.93 -10.95 -43.94
N ASP A 100 -15.36 -10.17 -44.86
CA ASP A 100 -15.72 -10.23 -46.27
C ASP A 100 -14.46 -10.43 -47.09
N PHE A 101 -14.49 -11.40 -47.99
CA PHE A 101 -13.35 -11.74 -48.82
C PHE A 101 -13.64 -11.36 -50.26
N PHE A 102 -12.72 -10.61 -50.87
CA PHE A 102 -12.88 -10.19 -52.25
C PHE A 102 -11.50 -9.94 -52.84
N LYS A 103 -11.43 -9.87 -54.16
CA LYS A 103 -10.20 -9.65 -54.88
C LYS A 103 -10.39 -8.47 -55.81
N PHE A 104 -9.56 -7.43 -55.66
CA PHE A 104 -9.67 -6.22 -56.43
C PHE A 104 -8.44 -6.04 -57.32
N ARG A 105 -8.67 -5.48 -58.51
CA ARG A 105 -7.61 -5.33 -59.51
C ARG A 105 -6.83 -4.04 -59.25
N ILE A 106 -6.11 -4.04 -58.12
CA ILE A 106 -5.20 -2.94 -57.80
C ILE A 106 -4.08 -2.86 -58.84
N ASP A 107 -3.47 -4.00 -59.12
CA ASP A 107 -2.46 -4.13 -60.15
C ASP A 107 -3.09 -4.77 -61.39
N GLY A 108 -2.25 -5.08 -62.39
CA GLY A 108 -2.75 -5.80 -63.55
C GLY A 108 -3.29 -7.17 -63.19
N ASP A 109 -2.65 -7.85 -62.25
CA ASP A 109 -3.02 -9.20 -61.86
C ASP A 109 -4.00 -9.19 -60.69
N MET A 110 -4.55 -10.38 -60.41
CA MET A 110 -5.48 -10.55 -59.31
C MET A 110 -4.78 -10.38 -57.96
N VAL A 111 -5.39 -9.61 -57.07
CA VAL A 111 -4.83 -9.28 -55.76
C VAL A 111 -5.83 -9.68 -54.68
N PRO A 112 -5.48 -10.61 -53.80
CA PRO A 112 -6.39 -10.96 -52.69
C PRO A 112 -6.57 -9.80 -51.72
N HIS A 113 -7.76 -9.72 -51.12
CA HIS A 113 -8.08 -8.73 -50.10
C HIS A 113 -8.96 -9.35 -49.03
N ILE A 114 -8.68 -9.01 -47.77
CA ILE A 114 -9.48 -9.44 -46.63
C ILE A 114 -9.97 -8.20 -45.91
N SER A 115 -11.29 -8.10 -45.74
CA SER A 115 -11.92 -6.92 -45.16
C SER A 115 -12.66 -7.31 -43.88
N ARG A 116 -12.45 -6.52 -42.83
CA ARG A 116 -13.15 -6.69 -41.56
C ARG A 116 -14.08 -5.51 -41.34
N GLN A 117 -15.32 -5.80 -40.94
CA GLN A 117 -16.34 -4.77 -40.83
C GLN A 117 -16.58 -4.41 -39.37
N ARG A 118 -16.76 -3.11 -39.12
CA ARG A 118 -17.17 -2.56 -37.83
C ARG A 118 -16.19 -2.97 -36.72
N LEU A 119 -14.98 -2.46 -36.85
CA LEU A 119 -13.94 -2.60 -35.85
C LEU A 119 -13.67 -1.23 -35.21
N THR A 120 -13.43 -1.24 -33.91
CA THR A 120 -13.12 0.01 -33.23
C THR A 120 -11.71 0.47 -33.55
N LYS A 121 -11.41 1.72 -33.20
CA LYS A 121 -10.10 2.29 -33.51
C LYS A 121 -8.98 1.56 -32.79
N TYR A 122 -9.19 1.20 -31.53
CA TYR A 122 -8.17 0.58 -30.71
C TYR A 122 -8.61 -0.83 -30.31
N THR A 123 -7.62 -1.68 -30.08
CA THR A 123 -7.86 -3.07 -29.71
C THR A 123 -7.74 -3.23 -28.19
N MET A 124 -7.86 -4.48 -27.73
CA MET A 124 -7.71 -4.75 -26.30
C MET A 124 -6.26 -4.60 -25.86
N ALA A 125 -5.30 -4.82 -26.77
CA ALA A 125 -3.90 -4.64 -26.43
C ALA A 125 -3.57 -3.18 -26.20
N ASP A 126 -4.20 -2.27 -26.95
CA ASP A 126 -3.96 -0.85 -26.75
C ASP A 126 -4.39 -0.40 -25.36
N LEU A 127 -5.55 -0.90 -24.89
CA LEU A 127 -6.00 -0.57 -23.55
C LEU A 127 -5.06 -1.13 -22.49
N VAL A 128 -4.61 -2.37 -22.67
CA VAL A 128 -3.72 -3.00 -21.69
C VAL A 128 -2.37 -2.28 -21.66
N TYR A 129 -1.81 -1.98 -22.83
CA TYR A 129 -0.51 -1.32 -22.88
C TYR A 129 -0.57 0.09 -22.31
N ALA A 130 -1.68 0.81 -22.58
CA ALA A 130 -1.79 2.18 -22.10
C ALA A 130 -1.85 2.26 -20.58
N LEU A 131 -2.32 1.20 -19.93
CA LEU A 131 -2.44 1.18 -18.47
C LEU A 131 -1.26 0.50 -17.79
N ARG A 132 -0.60 -0.44 -18.46
CA ARG A 132 0.57 -1.10 -17.90
C ARG A 132 1.88 -0.38 -18.21
N HIS A 133 1.84 0.62 -19.08
CA HIS A 133 3.00 1.45 -19.41
C HIS A 133 2.61 2.92 -19.37
N PHE A 134 1.92 3.31 -18.30
CA PHE A 134 1.39 4.66 -18.21
C PHE A 134 2.52 5.68 -18.08
N ASP A 135 2.35 6.80 -18.77
CA ASP A 135 3.30 7.92 -18.69
C ASP A 135 2.51 9.19 -18.90
N GLU A 136 2.50 10.06 -17.88
CA GLU A 136 1.74 11.30 -17.97
C GLU A 136 2.33 12.19 -19.06
N GLY A 137 1.45 12.95 -19.71
CA GLY A 137 1.85 13.75 -20.84
C GLY A 137 1.80 12.98 -22.15
N ASN A 138 2.53 11.87 -22.19
CA ASN A 138 2.52 10.98 -23.36
C ASN A 138 1.52 9.85 -23.16
N CYS A 139 0.26 10.23 -22.95
CA CYS A 139 -0.83 9.29 -22.71
C CYS A 139 -2.03 9.65 -23.57
N ASP A 140 -1.78 9.91 -24.85
CA ASP A 140 -2.86 10.30 -25.76
C ASP A 140 -3.80 9.13 -26.02
N THR A 141 -3.26 7.92 -26.14
CA THR A 141 -4.10 6.75 -26.43
C THR A 141 -5.10 6.49 -25.32
N LEU A 142 -4.65 6.56 -24.06
CA LEU A 142 -5.56 6.34 -22.94
C LEU A 142 -6.64 7.41 -22.89
N LYS A 143 -6.26 8.67 -23.13
CA LYS A 143 -7.24 9.76 -23.11
C LYS A 143 -8.27 9.59 -24.22
N GLU A 144 -7.83 9.19 -25.41
CA GLU A 144 -8.76 8.99 -26.51
C GLU A 144 -9.73 7.86 -26.22
N ILE A 145 -9.24 6.77 -25.62
CA ILE A 145 -10.11 5.65 -25.29
C ILE A 145 -11.13 6.07 -24.22
N LEU A 146 -10.70 6.85 -23.23
CA LEU A 146 -11.60 7.23 -22.15
C LEU A 146 -12.76 8.08 -22.67
N VAL A 147 -12.49 9.02 -23.57
CA VAL A 147 -13.56 9.88 -24.07
C VAL A 147 -14.37 9.21 -25.17
N THR A 148 -13.81 8.23 -25.87
CA THR A 148 -14.56 7.54 -26.92
C THR A 148 -15.73 6.76 -26.36
N TYR A 149 -15.53 6.13 -25.19
CA TYR A 149 -16.55 5.29 -24.57
C TYR A 149 -17.24 5.98 -23.40
N ASN A 150 -17.21 7.31 -23.37
CA ASN A 150 -17.97 8.10 -22.39
C ASN A 150 -17.59 7.78 -20.95
N CYS A 151 -16.32 7.43 -20.72
CA CYS A 151 -15.86 7.26 -19.34
C CYS A 151 -15.72 8.61 -18.66
N CYS A 152 -15.28 9.63 -19.40
CA CYS A 152 -15.17 10.99 -18.87
C CYS A 152 -15.20 11.96 -20.05
N ASP A 153 -15.42 13.23 -19.72
CA ASP A 153 -15.46 14.26 -20.75
C ASP A 153 -14.04 14.60 -21.21
N ASP A 154 -13.97 15.27 -22.36
CA ASP A 154 -12.68 15.67 -22.90
C ASP A 154 -11.98 16.68 -22.00
N ASP A 155 -12.74 17.52 -21.31
CA ASP A 155 -12.18 18.53 -20.42
C ASP A 155 -11.85 17.98 -19.04
N TYR A 156 -12.11 16.69 -18.78
CA TYR A 156 -11.75 16.11 -17.50
C TYR A 156 -10.25 16.11 -17.29
N PHE A 157 -9.47 16.08 -18.38
CA PHE A 157 -8.02 16.06 -18.28
C PHE A 157 -7.42 17.44 -18.05
N ASN A 158 -8.23 18.50 -18.12
CA ASN A 158 -7.73 19.83 -17.81
C ASN A 158 -7.34 19.95 -16.34
N LYS A 159 -8.01 19.20 -15.46
CA LYS A 159 -7.66 19.20 -14.05
C LYS A 159 -6.25 18.65 -13.84
N LYS A 160 -5.47 19.34 -13.02
CA LYS A 160 -4.13 18.88 -12.71
C LYS A 160 -4.17 17.60 -11.88
N ASP A 161 -3.21 16.71 -12.13
CA ASP A 161 -3.10 15.45 -11.41
C ASP A 161 -4.38 14.62 -11.50
N TRP A 162 -5.00 14.61 -12.68
CA TRP A 162 -6.21 13.83 -12.86
C TRP A 162 -5.92 12.33 -12.78
N TYR A 163 -4.72 11.91 -13.19
CA TYR A 163 -4.34 10.51 -13.18
C TYR A 163 -3.91 10.02 -11.81
N ASP A 164 -3.63 10.93 -10.88
CA ASP A 164 -3.08 10.55 -9.58
C ASP A 164 -4.16 9.89 -8.72
N PHE A 165 -3.88 8.67 -8.25
CA PHE A 165 -4.83 7.99 -7.38
C PHE A 165 -4.98 8.71 -6.05
N VAL A 166 -3.86 9.16 -5.47
CA VAL A 166 -3.92 9.82 -4.17
C VAL A 166 -4.51 11.22 -4.29
N GLU A 167 -4.04 11.99 -5.27
CA GLU A 167 -4.49 13.36 -5.40
C GLU A 167 -5.90 13.44 -5.96
N ASN A 168 -6.25 12.54 -6.88
CA ASN A 168 -7.56 12.52 -7.53
C ASN A 168 -8.14 11.12 -7.40
N PRO A 169 -8.73 10.78 -6.24
CA PRO A 169 -9.34 9.45 -6.09
C PRO A 169 -10.49 9.20 -7.04
N ASP A 170 -11.07 10.24 -7.63
CA ASP A 170 -12.18 10.07 -8.58
C ASP A 170 -11.74 9.38 -9.87
N ILE A 171 -10.43 9.24 -10.11
CA ILE A 171 -9.97 8.55 -11.31
C ILE A 171 -10.38 7.09 -11.28
N LEU A 172 -10.59 6.53 -10.09
CA LEU A 172 -11.07 5.15 -9.98
C LEU A 172 -12.48 5.02 -10.55
N ARG A 173 -13.33 6.04 -10.32
CA ARG A 173 -14.67 6.02 -10.90
C ARG A 173 -14.62 6.08 -12.43
N VAL A 174 -13.70 6.89 -12.98
CA VAL A 174 -13.56 6.98 -14.42
C VAL A 174 -13.09 5.65 -15.00
N TYR A 175 -12.09 5.02 -14.37
CA TYR A 175 -11.59 3.74 -14.85
C TYR A 175 -12.66 2.66 -14.74
N ALA A 176 -13.49 2.71 -13.69
CA ALA A 176 -14.53 1.71 -13.51
C ALA A 176 -15.58 1.76 -14.60
N ASN A 177 -15.68 2.86 -15.34
CA ASN A 177 -16.63 2.94 -16.44
C ASN A 177 -16.26 2.00 -17.58
N LEU A 178 -15.00 1.55 -17.64
CA LEU A 178 -14.55 0.58 -18.61
C LEU A 178 -14.80 -0.85 -18.17
N GLY A 179 -15.32 -1.05 -16.96
CA GLY A 179 -15.46 -2.41 -16.44
C GLY A 179 -16.43 -3.25 -17.23
N GLU A 180 -17.59 -2.69 -17.57
CA GLU A 180 -18.59 -3.45 -18.33
C GLU A 180 -18.08 -3.81 -19.71
N ARG A 181 -17.36 -2.90 -20.35
CA ARG A 181 -16.79 -3.20 -21.66
C ARG A 181 -15.74 -4.30 -21.55
N VAL A 182 -14.93 -4.27 -20.50
CA VAL A 182 -13.92 -5.32 -20.32
C VAL A 182 -14.58 -6.65 -19.98
N ARG A 183 -15.62 -6.63 -19.14
CA ARG A 183 -16.32 -7.87 -18.80
C ARG A 183 -16.97 -8.49 -20.03
N GLN A 184 -17.54 -7.66 -20.91
CA GLN A 184 -18.10 -8.18 -22.15
C GLN A 184 -17.04 -8.81 -23.03
N ALA A 185 -15.83 -8.26 -23.02
CA ALA A 185 -14.74 -8.85 -23.78
C ALA A 185 -14.38 -10.23 -23.23
N LEU A 186 -14.40 -10.38 -21.90
CA LEU A 186 -14.09 -11.68 -21.30
C LEU A 186 -15.12 -12.73 -21.70
N LEU A 187 -16.41 -12.36 -21.71
CA LEU A 187 -17.44 -13.29 -22.11
C LEU A 187 -17.31 -13.68 -23.59
N LYS A 188 -16.94 -12.71 -24.44
CA LYS A 188 -16.76 -13.00 -25.85
C LYS A 188 -15.59 -13.95 -26.07
N THR A 189 -14.53 -13.81 -25.29
CA THR A 189 -13.38 -14.70 -25.42
C THR A 189 -13.75 -16.14 -25.10
N VAL A 190 -14.56 -16.34 -24.06
CA VAL A 190 -15.02 -17.68 -23.72
C VAL A 190 -15.86 -18.26 -24.87
N GLN A 191 -16.74 -17.44 -25.45
CA GLN A 191 -17.52 -17.88 -26.59
C GLN A 191 -16.61 -18.23 -27.77
N PHE A 192 -15.59 -17.40 -28.03
CA PHE A 192 -14.68 -17.67 -29.13
C PHE A 192 -13.88 -18.95 -28.89
N CYS A 193 -13.43 -19.17 -27.66
CA CYS A 193 -12.68 -20.38 -27.36
C CYS A 193 -13.54 -21.62 -27.53
N ASP A 194 -14.81 -21.55 -27.14
CA ASP A 194 -15.71 -22.68 -27.31
C ASP A 194 -15.91 -23.01 -28.79
N ALA A 195 -16.04 -21.98 -29.63
CA ALA A 195 -16.18 -22.22 -31.06
C ALA A 195 -14.93 -22.87 -31.64
N MET A 196 -13.75 -22.41 -31.22
CA MET A 196 -12.51 -23.01 -31.70
C MET A 196 -12.39 -24.46 -31.24
N ARG A 197 -12.77 -24.73 -29.98
CA ARG A 197 -12.69 -26.09 -29.47
C ARG A 197 -13.64 -27.02 -30.22
N ASN A 198 -14.86 -26.57 -30.49
CA ASN A 198 -15.83 -27.40 -31.19
C ASN A 198 -15.42 -27.62 -32.64
N ALA A 199 -14.82 -26.62 -33.27
CA ALA A 199 -14.39 -26.73 -34.66
C ALA A 199 -13.02 -27.38 -34.81
N GLY A 200 -12.38 -27.77 -33.71
CA GLY A 200 -11.07 -28.38 -33.79
C GLY A 200 -9.99 -27.45 -34.30
N ILE A 201 -9.98 -26.21 -33.84
CA ILE A 201 -9.02 -25.20 -34.29
C ILE A 201 -8.04 -24.93 -33.16
N VAL A 202 -6.75 -24.99 -33.47
CA VAL A 202 -5.68 -24.78 -32.50
C VAL A 202 -4.98 -23.48 -32.85
N GLY A 203 -4.84 -22.60 -31.86
CA GLY A 203 -4.17 -21.33 -32.08
C GLY A 203 -3.97 -20.60 -30.78
N VAL A 204 -3.24 -19.50 -30.86
CA VAL A 204 -2.88 -18.67 -29.71
C VAL A 204 -3.69 -17.39 -29.75
N LEU A 205 -4.39 -17.10 -28.67
CA LEU A 205 -5.20 -15.89 -28.56
C LEU A 205 -4.35 -14.76 -28.01
N THR A 206 -4.37 -13.61 -28.70
CA THR A 206 -3.60 -12.45 -28.29
C THR A 206 -4.52 -11.24 -28.22
N LEU A 207 -4.14 -10.28 -27.36
CA LEU A 207 -4.99 -9.12 -27.12
C LEU A 207 -5.13 -8.25 -28.36
N ASP A 208 -4.07 -8.13 -29.15
CA ASP A 208 -4.12 -7.25 -30.33
C ASP A 208 -5.07 -7.77 -31.39
N ASN A 209 -5.49 -9.04 -31.32
CA ASN A 209 -6.41 -9.62 -32.28
C ASN A 209 -7.87 -9.50 -31.85
N GLN A 210 -8.13 -8.96 -30.67
CA GLN A 210 -9.49 -8.79 -30.17
C GLN A 210 -9.85 -7.32 -30.16
N ASP A 211 -11.02 -7.00 -30.71
CA ASP A 211 -11.51 -5.63 -30.72
C ASP A 211 -11.98 -5.22 -29.33
N LEU A 212 -12.07 -3.90 -29.13
CA LEU A 212 -12.59 -3.39 -27.86
C LEU A 212 -14.06 -3.70 -27.65
N ASN A 213 -14.77 -4.12 -28.71
CA ASN A 213 -16.13 -4.63 -28.59
C ASN A 213 -16.15 -6.12 -28.26
N GLY A 214 -14.99 -6.77 -28.19
CA GLY A 214 -14.91 -8.18 -27.90
C GLY A 214 -14.82 -9.08 -29.10
N ASN A 215 -14.85 -8.54 -30.31
CA ASN A 215 -14.83 -9.37 -31.51
C ASN A 215 -13.41 -9.73 -31.90
N TRP A 216 -13.24 -10.94 -32.44
CA TRP A 216 -11.95 -11.44 -32.89
C TRP A 216 -11.92 -11.45 -34.41
N TYR A 217 -10.76 -11.12 -34.98
CA TYR A 217 -10.68 -10.94 -36.42
C TYR A 217 -9.42 -11.49 -37.07
N ASP A 218 -8.52 -12.14 -36.33
CA ASP A 218 -7.27 -12.65 -36.89
C ASP A 218 -7.26 -14.17 -36.82
N PHE A 219 -7.09 -14.82 -37.96
CA PHE A 219 -7.04 -16.28 -38.05
C PHE A 219 -5.85 -16.73 -38.89
N GLY A 220 -4.81 -15.90 -38.99
CA GLY A 220 -3.68 -16.22 -39.83
C GLY A 220 -2.68 -17.20 -39.24
N ASP A 221 -2.86 -17.59 -37.98
CA ASP A 221 -1.96 -18.52 -37.31
C ASP A 221 -2.69 -19.72 -36.75
N PHE A 222 -3.92 -19.96 -37.19
CA PHE A 222 -4.72 -21.07 -36.67
C PHE A 222 -4.52 -22.30 -37.53
N ILE A 223 -4.44 -23.47 -36.88
CA ILE A 223 -4.24 -24.75 -37.54
C ILE A 223 -5.46 -25.61 -37.29
N GLN A 224 -6.06 -26.12 -38.37
CA GLN A 224 -7.25 -26.95 -38.26
C GLN A 224 -6.88 -28.37 -37.85
N THR A 225 -7.70 -28.97 -36.99
CA THR A 225 -7.49 -30.32 -36.50
C THR A 225 -8.83 -31.02 -36.47
N THR A 226 -8.88 -32.15 -35.77
CA THR A 226 -10.13 -32.91 -35.65
C THR A 226 -11.15 -32.09 -34.88
N PRO A 227 -12.38 -31.93 -35.42
CA PRO A 227 -13.38 -31.13 -34.71
C PRO A 227 -13.72 -31.72 -33.35
N GLY A 228 -13.99 -30.83 -32.40
CA GLY A 228 -14.24 -31.22 -31.04
C GLY A 228 -13.01 -31.35 -30.17
N SER A 229 -11.82 -31.10 -30.73
CA SER A 229 -10.56 -31.24 -29.99
C SER A 229 -9.68 -30.00 -30.15
N GLY A 230 -10.29 -28.84 -30.37
CA GLY A 230 -9.52 -27.62 -30.49
C GLY A 230 -8.87 -27.25 -29.17
N VAL A 231 -7.68 -26.65 -29.27
CA VAL A 231 -6.90 -26.28 -28.09
C VAL A 231 -6.55 -24.80 -28.15
N PRO A 232 -7.40 -23.91 -27.64
CA PRO A 232 -7.03 -22.49 -27.57
C PRO A 232 -5.97 -22.26 -26.50
N VAL A 233 -5.00 -21.41 -26.83
CA VAL A 233 -3.94 -21.03 -25.91
C VAL A 233 -4.22 -19.61 -25.42
N VAL A 234 -4.43 -19.47 -24.12
CA VAL A 234 -4.85 -18.19 -23.55
C VAL A 234 -3.95 -17.80 -22.38
N ASP A 235 -2.73 -18.34 -22.36
CA ASP A 235 -1.81 -18.00 -21.27
C ASP A 235 -1.40 -16.53 -21.33
N SER A 236 -0.96 -16.07 -22.51
CA SER A 236 -0.52 -14.69 -22.64
C SER A 236 -1.69 -13.72 -22.65
N TYR A 237 -2.87 -14.17 -23.09
CA TYR A 237 -4.03 -13.30 -23.17
C TYR A 237 -4.52 -12.92 -21.77
N TYR A 238 -4.89 -13.91 -20.97
CA TYR A 238 -5.47 -13.63 -19.66
C TYR A 238 -4.45 -13.01 -18.72
N SER A 239 -3.20 -13.49 -18.76
CA SER A 239 -2.20 -13.03 -17.79
C SER A 239 -1.89 -11.55 -17.97
N LEU A 240 -1.78 -11.08 -19.21
CA LEU A 240 -1.52 -9.67 -19.46
C LEU A 240 -2.73 -8.80 -19.09
N LEU A 241 -3.93 -9.36 -19.16
CA LEU A 241 -5.16 -8.63 -18.87
C LEU A 241 -5.50 -8.58 -17.40
N MET A 242 -4.82 -9.36 -16.56
CA MET A 242 -5.22 -9.49 -15.16
C MET A 242 -5.16 -8.17 -14.38
N PRO A 243 -4.10 -7.36 -14.46
CA PRO A 243 -4.11 -6.10 -13.71
C PRO A 243 -5.22 -5.14 -14.12
N ILE A 244 -5.72 -5.25 -15.36
CA ILE A 244 -6.80 -4.38 -15.80
C ILE A 244 -8.15 -4.81 -15.25
N LEU A 245 -8.30 -6.08 -14.87
CA LEU A 245 -9.60 -6.56 -14.40
C LEU A 245 -10.02 -5.87 -13.11
N THR A 246 -9.09 -5.69 -12.18
CA THR A 246 -9.40 -5.01 -10.92
C THR A 246 -9.25 -3.51 -11.00
N LEU A 247 -8.44 -3.00 -11.92
CA LEU A 247 -8.32 -1.55 -12.10
C LEU A 247 -9.63 -0.96 -12.59
N THR A 248 -10.29 -1.65 -13.53
CA THR A 248 -11.57 -1.19 -14.07
C THR A 248 -12.77 -1.80 -13.37
N ARG A 249 -12.55 -2.67 -12.38
CA ARG A 249 -13.62 -3.34 -11.66
C ARG A 249 -14.57 -4.04 -12.63
N ALA A 250 -14.02 -4.98 -13.39
CA ALA A 250 -14.77 -5.63 -14.45
C ALA A 250 -15.92 -6.47 -13.91
N LEU A 251 -15.71 -7.13 -12.77
CA LEU A 251 -16.70 -8.05 -12.21
C LEU A 251 -17.70 -7.36 -11.28
N THR A 252 -17.90 -6.05 -11.46
CA THR A 252 -18.89 -5.34 -10.64
C THR A 252 -20.30 -5.85 -10.92
N ALA A 253 -20.60 -6.15 -12.18
CA ALA A 253 -21.93 -6.64 -12.54
C ALA A 253 -22.29 -7.94 -11.85
N GLU A 254 -21.30 -8.73 -11.44
CA GLU A 254 -21.58 -9.99 -10.75
C GLU A 254 -22.22 -9.77 -9.39
N SER A 255 -22.14 -8.57 -8.84
CA SER A 255 -22.80 -8.26 -7.57
C SER A 255 -24.28 -7.98 -7.72
N HIS A 256 -24.77 -7.75 -8.94
CA HIS A 256 -26.17 -7.45 -9.17
C HIS A 256 -26.93 -8.72 -9.54
N VAL A 257 -28.26 -8.63 -9.47
CA VAL A 257 -29.10 -9.76 -9.81
C VAL A 257 -29.06 -10.01 -11.31
N ASP A 258 -28.84 -11.26 -11.69
CA ASP A 258 -28.75 -11.69 -13.09
C ASP A 258 -27.65 -10.97 -13.86
N THR A 259 -26.62 -10.49 -13.14
CA THR A 259 -25.47 -9.80 -13.75
C THR A 259 -25.92 -8.65 -14.65
N ASP A 260 -26.88 -7.87 -14.16
CA ASP A 260 -27.38 -6.71 -14.89
C ASP A 260 -27.20 -5.48 -14.00
N LEU A 261 -26.47 -4.48 -14.51
CA LEU A 261 -26.17 -3.30 -13.71
C LEU A 261 -27.43 -2.53 -13.34
N THR A 262 -28.48 -2.62 -14.17
CA THR A 262 -29.73 -1.93 -13.85
C THR A 262 -30.41 -2.55 -12.64
N LYS A 263 -30.36 -3.86 -12.51
CA LYS A 263 -31.05 -4.56 -11.43
C LYS A 263 -30.35 -4.28 -10.09
N PRO A 264 -31.07 -4.42 -8.99
CA PRO A 264 -30.48 -4.15 -7.67
C PRO A 264 -29.45 -5.21 -7.30
N TYR A 265 -28.74 -4.91 -6.20
CA TYR A 265 -27.70 -5.81 -5.72
C TYR A 265 -28.31 -7.11 -5.20
N ILE A 266 -27.51 -8.18 -5.25
CA ILE A 266 -27.94 -9.46 -4.70
C ILE A 266 -27.97 -9.37 -3.17
N LYS A 267 -29.08 -9.80 -2.59
CA LYS A 267 -29.22 -9.85 -1.14
C LYS A 267 -28.68 -11.18 -0.66
N TRP A 268 -27.36 -11.24 -0.45
CA TRP A 268 -26.73 -12.45 0.02
C TRP A 268 -27.19 -12.78 1.44
N ASP A 269 -27.26 -14.08 1.74
CA ASP A 269 -27.57 -14.50 3.10
C ASP A 269 -26.50 -13.99 4.05
N LEU A 270 -26.93 -13.41 5.17
CA LEU A 270 -25.99 -12.74 6.06
C LEU A 270 -25.08 -13.73 6.76
N LEU A 271 -25.53 -14.97 6.93
CA LEU A 271 -24.72 -16.01 7.57
C LEU A 271 -23.81 -16.74 6.60
N LYS A 272 -23.92 -16.47 5.31
CA LYS A 272 -23.14 -17.19 4.30
C LYS A 272 -21.68 -16.73 4.34
N TYR A 273 -20.76 -17.69 4.41
CA TYR A 273 -19.33 -17.38 4.38
C TYR A 273 -18.52 -18.27 3.46
N ASP A 274 -19.03 -19.44 3.06
CA ASP A 274 -18.25 -20.37 2.24
C ASP A 274 -17.91 -19.80 0.88
N PHE A 275 -18.92 -19.56 0.05
CA PHE A 275 -18.77 -19.00 -1.28
C PHE A 275 -17.83 -19.81 -2.18
N THR A 276 -17.61 -21.08 -1.85
CA THR A 276 -16.72 -21.90 -2.67
C THR A 276 -17.32 -22.18 -4.04
N GLU A 277 -18.61 -22.49 -4.09
CA GLU A 277 -19.25 -22.78 -5.36
C GLU A 277 -19.36 -21.53 -6.23
N GLU A 278 -19.59 -20.37 -5.60
CA GLU A 278 -19.66 -19.12 -6.35
C GLU A 278 -18.31 -18.78 -6.99
N ARG A 279 -17.21 -19.03 -6.27
CA ARG A 279 -15.90 -18.82 -6.85
C ARG A 279 -15.66 -19.74 -8.04
N LEU A 280 -16.07 -21.00 -7.92
CA LEU A 280 -15.90 -21.94 -9.02
C LEU A 280 -16.73 -21.54 -10.23
N LYS A 281 -17.95 -21.07 -10.00
CA LYS A 281 -18.78 -20.61 -11.12
C LYS A 281 -18.18 -19.39 -11.80
N LEU A 282 -17.63 -18.46 -11.01
CA LEU A 282 -16.99 -17.28 -11.58
C LEU A 282 -15.78 -17.67 -12.42
N PHE A 283 -14.98 -18.63 -11.95
CA PHE A 283 -13.83 -19.08 -12.72
C PHE A 283 -14.26 -19.74 -14.02
N ASP A 284 -15.32 -20.54 -13.98
CA ASP A 284 -15.78 -21.22 -15.18
C ASP A 284 -16.40 -20.24 -16.18
N ARG A 285 -16.97 -19.14 -15.69
CA ARG A 285 -17.64 -18.20 -16.59
C ARG A 285 -16.64 -17.35 -17.37
N TYR A 286 -15.54 -16.95 -16.74
CA TYR A 286 -14.61 -16.01 -17.35
C TYR A 286 -13.25 -16.60 -17.68
N PHE A 287 -12.82 -17.64 -16.98
CA PHE A 287 -11.51 -18.26 -17.19
C PHE A 287 -11.68 -19.75 -17.43
N LYS A 288 -12.61 -20.10 -18.31
CA LYS A 288 -12.92 -21.51 -18.53
C LYS A 288 -11.73 -22.28 -19.08
N TYR A 289 -11.00 -21.68 -20.02
CA TYR A 289 -9.90 -22.35 -20.69
C TYR A 289 -8.55 -22.08 -20.05
N TRP A 290 -8.52 -21.43 -18.89
CA TRP A 290 -7.29 -21.33 -18.11
C TRP A 290 -6.87 -22.74 -17.70
N ASP A 291 -5.72 -23.19 -18.23
CA ASP A 291 -5.38 -24.61 -18.14
C ASP A 291 -5.05 -25.02 -16.70
N GLN A 292 -4.35 -24.16 -15.96
CA GLN A 292 -3.93 -24.53 -14.61
C GLN A 292 -5.11 -24.70 -13.68
N THR A 293 -4.99 -25.67 -12.77
CA THR A 293 -6.06 -25.93 -11.80
C THR A 293 -6.18 -24.79 -10.81
N TYR A 294 -7.41 -24.44 -10.47
CA TYR A 294 -7.71 -23.37 -9.53
C TYR A 294 -8.31 -23.96 -8.26
N HIS A 295 -7.71 -23.64 -7.11
CA HIS A 295 -8.24 -24.07 -5.83
C HIS A 295 -8.89 -22.89 -5.15
N PRO A 296 -10.22 -22.89 -4.96
CA PRO A 296 -10.86 -21.77 -4.26
C PRO A 296 -10.33 -21.56 -2.85
N ASN A 297 -10.00 -22.64 -2.15
CA ASN A 297 -9.40 -22.57 -0.83
C ASN A 297 -7.93 -22.95 -0.94
N CYS A 298 -7.06 -22.04 -0.52
CA CYS A 298 -5.62 -22.23 -0.69
C CYS A 298 -5.05 -23.31 0.22
N VAL A 299 -5.84 -23.84 1.16
CA VAL A 299 -5.36 -24.92 2.02
C VAL A 299 -5.10 -26.19 1.21
N ASN A 300 -5.69 -26.31 0.03
CA ASN A 300 -5.52 -27.47 -0.82
C ASN A 300 -4.44 -27.28 -1.87
N CYS A 301 -3.69 -26.18 -1.82
CA CYS A 301 -2.66 -25.93 -2.80
C CYS A 301 -1.47 -26.87 -2.61
N LEU A 302 -0.69 -27.03 -3.68
CA LEU A 302 0.40 -27.99 -3.69
C LEU A 302 1.73 -27.40 -3.23
N ASP A 303 1.96 -26.13 -3.47
CA ASP A 303 3.20 -25.48 -3.04
C ASP A 303 2.96 -23.97 -3.00
N ASP A 304 4.02 -23.23 -2.69
CA ASP A 304 3.91 -21.77 -2.61
C ASP A 304 3.60 -21.14 -3.95
N ARG A 305 4.10 -21.73 -5.04
CA ARG A 305 3.76 -21.22 -6.37
C ARG A 305 2.28 -21.41 -6.67
N CYS A 306 1.70 -22.52 -6.24
CA CYS A 306 0.26 -22.72 -6.41
C CYS A 306 -0.54 -21.76 -5.56
N ILE A 307 -0.05 -21.44 -4.36
CA ILE A 307 -0.75 -20.49 -3.49
C ILE A 307 -0.82 -19.12 -4.17
N LEU A 308 0.29 -18.66 -4.75
CA LEU A 308 0.31 -17.39 -5.44
C LEU A 308 -0.66 -17.39 -6.62
N HIS A 309 -0.72 -18.50 -7.36
CA HIS A 309 -1.60 -18.58 -8.50
C HIS A 309 -3.08 -18.53 -8.08
N CYS A 310 -3.44 -19.33 -7.07
CA CYS A 310 -4.83 -19.41 -6.65
C CYS A 310 -5.27 -18.20 -5.84
N ALA A 311 -4.37 -17.62 -5.04
CA ALA A 311 -4.74 -16.42 -4.29
C ALA A 311 -4.96 -15.23 -5.21
N ASN A 312 -4.31 -15.22 -6.38
CA ASN A 312 -4.53 -14.15 -7.34
C ASN A 312 -5.97 -14.14 -7.85
N PHE A 313 -6.52 -15.32 -8.14
CA PHE A 313 -7.91 -15.40 -8.58
C PHE A 313 -8.86 -15.06 -7.44
N ASN A 314 -8.53 -15.43 -6.21
CA ASN A 314 -9.39 -15.12 -5.08
C ASN A 314 -9.48 -13.62 -4.84
N VAL A 315 -8.41 -12.87 -5.15
CA VAL A 315 -8.46 -11.42 -4.99
C VAL A 315 -9.55 -10.82 -5.88
N LEU A 316 -9.61 -11.26 -7.14
CA LEU A 316 -10.62 -10.77 -8.05
C LEU A 316 -12.02 -11.21 -7.62
N PHE A 317 -12.17 -12.47 -7.23
CA PHE A 317 -13.50 -12.99 -6.92
C PHE A 317 -14.03 -12.48 -5.59
N SER A 318 -13.14 -12.12 -4.66
CA SER A 318 -13.59 -11.64 -3.36
C SER A 318 -14.24 -10.27 -3.45
N THR A 319 -14.03 -9.53 -4.54
CA THR A 319 -14.65 -8.23 -4.70
C THR A 319 -16.15 -8.30 -4.97
N VAL A 320 -16.67 -9.50 -5.23
CA VAL A 320 -18.10 -9.66 -5.50
C VAL A 320 -18.89 -9.96 -4.23
N PHE A 321 -18.31 -10.70 -3.30
CA PHE A 321 -19.00 -11.17 -2.11
C PHE A 321 -19.09 -10.05 -1.06
N PRO A 322 -20.07 -10.10 -0.18
CA PRO A 322 -20.25 -9.03 0.83
C PRO A 322 -19.06 -8.94 1.76
N PRO A 323 -18.67 -7.74 2.16
CA PRO A 323 -17.52 -7.59 3.07
C PRO A 323 -17.74 -8.23 4.44
N THR A 324 -18.99 -8.39 4.89
CA THR A 324 -19.25 -8.94 6.21
C THR A 324 -18.94 -10.43 6.29
N SER A 325 -18.80 -11.10 5.15
CA SER A 325 -18.53 -12.53 5.15
C SER A 325 -17.07 -12.87 5.39
N PHE A 326 -16.17 -11.90 5.33
CA PHE A 326 -14.76 -12.15 5.51
C PHE A 326 -14.36 -11.88 6.96
N GLY A 327 -13.20 -12.42 7.34
CA GLY A 327 -12.69 -12.26 8.68
C GLY A 327 -12.76 -13.54 9.48
N PRO A 328 -12.63 -13.43 10.79
CA PRO A 328 -12.70 -14.63 11.64
C PRO A 328 -14.06 -15.30 11.56
N LEU A 329 -14.05 -16.63 11.63
CA LEU A 329 -15.25 -17.43 11.70
C LEU A 329 -15.39 -17.98 13.11
N VAL A 330 -16.54 -17.78 13.73
CA VAL A 330 -16.72 -18.05 15.14
C VAL A 330 -17.84 -19.06 15.33
N ARG A 331 -17.82 -19.74 16.47
CA ARG A 331 -18.84 -20.69 16.85
C ARG A 331 -18.99 -20.67 18.36
N LYS A 332 -19.83 -21.57 18.87
CA LYS A 332 -20.10 -21.66 20.29
C LYS A 332 -19.45 -22.93 20.85
N ILE A 333 -18.71 -22.77 21.94
CA ILE A 333 -18.11 -23.89 22.64
C ILE A 333 -18.51 -23.82 24.11
N PHE A 334 -18.52 -24.98 24.76
CA PHE A 334 -18.95 -25.11 26.14
C PHE A 334 -17.75 -25.49 27.01
N VAL A 335 -17.40 -24.61 27.95
CA VAL A 335 -16.36 -24.88 28.93
C VAL A 335 -16.90 -24.54 30.31
N ASP A 336 -16.76 -25.49 31.25
CA ASP A 336 -17.23 -25.34 32.62
C ASP A 336 -18.71 -24.98 32.69
N GLY A 337 -19.47 -25.30 31.64
CA GLY A 337 -20.88 -24.96 31.59
C GLY A 337 -21.17 -23.55 31.15
N VAL A 338 -20.15 -22.74 30.90
CA VAL A 338 -20.33 -21.34 30.48
C VAL A 338 -20.00 -21.25 29.00
N PRO A 339 -20.98 -20.96 28.14
CA PRO A 339 -20.70 -20.90 26.70
C PRO A 339 -19.81 -19.71 26.35
N PHE A 340 -18.95 -19.92 25.35
CA PHE A 340 -18.06 -18.89 24.83
C PHE A 340 -18.16 -18.83 23.32
N VAL A 341 -17.80 -17.68 22.77
CA VAL A 341 -17.70 -17.48 21.33
C VAL A 341 -16.22 -17.34 21.00
N VAL A 342 -15.68 -18.30 20.25
CA VAL A 342 -14.28 -18.31 19.88
C VAL A 342 -14.17 -18.51 18.38
N SER A 343 -13.03 -18.09 17.83
CA SER A 343 -12.77 -18.18 16.41
C SER A 343 -12.18 -19.55 16.09
N THR A 344 -12.93 -20.35 15.32
CA THR A 344 -12.48 -21.67 14.90
C THR A 344 -12.15 -21.71 13.41
N GLY A 345 -11.90 -20.56 12.80
CA GLY A 345 -11.58 -20.51 11.40
C GLY A 345 -11.40 -19.08 10.95
N TYR A 346 -11.16 -18.92 9.66
CA TYR A 346 -10.95 -17.61 9.08
C TYR A 346 -11.28 -17.66 7.59
N HIS A 347 -11.98 -16.64 7.11
CA HIS A 347 -12.32 -16.52 5.69
C HIS A 347 -11.47 -15.39 5.10
N PHE A 348 -10.40 -15.75 4.41
CA PHE A 348 -9.50 -14.78 3.82
C PHE A 348 -10.01 -14.35 2.45
N ARG A 349 -9.75 -13.09 2.11
CA ARG A 349 -10.06 -12.62 0.77
C ARG A 349 -9.14 -13.21 -0.28
N GLU A 350 -7.98 -13.73 0.13
CA GLU A 350 -7.01 -14.31 -0.79
C GLU A 350 -6.83 -15.81 -0.61
N LEU A 351 -6.86 -16.30 0.62
CA LEU A 351 -6.61 -17.71 0.90
C LEU A 351 -7.89 -18.53 1.02
N GLY A 352 -9.06 -17.94 0.82
CA GLY A 352 -10.28 -18.69 0.93
C GLY A 352 -10.64 -19.00 2.38
N VAL A 353 -11.33 -20.11 2.57
CA VAL A 353 -11.80 -20.53 3.89
C VAL A 353 -10.78 -21.45 4.52
N VAL A 354 -10.36 -21.12 5.74
CA VAL A 354 -9.41 -21.92 6.51
C VAL A 354 -10.08 -22.32 7.81
N HIS A 355 -10.05 -23.61 8.13
CA HIS A 355 -10.68 -24.16 9.32
C HIS A 355 -9.61 -24.65 10.28
N ASN A 356 -9.75 -24.31 11.56
CA ASN A 356 -8.81 -24.77 12.57
C ASN A 356 -8.96 -26.28 12.78
N GLN A 357 -7.83 -26.93 13.03
CA GLN A 357 -7.83 -28.39 13.22
C GLN A 357 -7.98 -28.79 14.68
N ASP A 358 -7.28 -28.12 15.58
CA ASP A 358 -7.32 -28.45 17.01
C ASP A 358 -8.39 -27.59 17.67
N VAL A 359 -9.62 -28.07 17.64
CA VAL A 359 -10.76 -27.38 18.24
C VAL A 359 -11.42 -28.32 19.23
N ASN A 360 -11.71 -27.81 20.43
CA ASN A 360 -12.33 -28.59 21.50
C ASN A 360 -13.65 -27.94 21.88
N LEU A 361 -14.75 -28.59 21.52
CA LEU A 361 -16.07 -28.07 21.87
C LEU A 361 -16.29 -28.08 23.38
N HIS A 362 -15.84 -29.14 24.05
CA HIS A 362 -15.99 -29.28 25.49
C HIS A 362 -14.61 -29.41 26.13
N SER A 363 -14.35 -28.57 27.13
CA SER A 363 -13.07 -28.59 27.83
C SER A 363 -13.32 -28.44 29.32
N SER A 364 -12.56 -29.20 30.12
CA SER A 364 -12.71 -29.12 31.57
C SER A 364 -12.14 -27.83 32.13
N ARG A 365 -10.95 -27.43 31.67
CA ARG A 365 -10.28 -26.25 32.20
C ARG A 365 -9.36 -25.70 31.12
N LEU A 366 -8.94 -24.45 31.33
CA LEU A 366 -8.05 -23.75 30.41
C LEU A 366 -6.66 -23.65 31.03
N SER A 367 -5.67 -24.19 30.33
CA SER A 367 -4.29 -23.94 30.70
C SER A 367 -3.89 -22.53 30.28
N PHE A 368 -2.69 -22.13 30.68
CA PHE A 368 -2.22 -20.78 30.37
C PHE A 368 -2.06 -20.57 28.87
N LYS A 369 -1.77 -21.63 28.12
CA LYS A 369 -1.62 -21.49 26.67
C LYS A 369 -2.93 -21.10 26.01
N GLU A 370 -4.00 -21.85 26.28
CA GLU A 370 -5.29 -21.55 25.68
C GLU A 370 -5.95 -20.34 26.33
N LEU A 371 -5.63 -20.05 27.58
CA LEU A 371 -6.11 -18.83 28.20
C LEU A 371 -5.54 -17.60 27.50
N LEU A 372 -4.28 -17.67 27.10
CA LEU A 372 -3.66 -16.59 26.33
C LEU A 372 -4.31 -16.45 24.96
N VAL A 373 -4.61 -17.58 24.31
CA VAL A 373 -5.15 -17.55 22.95
C VAL A 373 -6.54 -16.92 22.94
N TYR A 374 -7.38 -17.28 23.91
CA TYR A 374 -8.75 -16.77 23.93
C TYR A 374 -8.78 -15.26 24.18
N ALA A 375 -7.87 -14.77 25.03
CA ALA A 375 -7.83 -13.33 25.31
C ALA A 375 -7.46 -12.54 24.06
N ALA A 376 -6.51 -13.05 23.27
CA ALA A 376 -6.10 -12.37 22.04
C ALA A 376 -7.12 -12.48 20.93
N ASP A 377 -8.11 -13.36 21.06
CA ASP A 377 -9.11 -13.55 20.03
C ASP A 377 -10.01 -12.33 19.93
N PRO A 378 -10.14 -11.69 18.76
CA PRO A 378 -11.09 -10.57 18.63
C PRO A 378 -12.54 -11.01 18.79
N ALA A 379 -12.84 -12.30 18.68
CA ALA A 379 -14.21 -12.76 18.80
C ALA A 379 -14.79 -12.46 20.17
N MET A 380 -14.01 -12.67 21.22
CA MET A 380 -14.50 -12.44 22.57
C MET A 380 -14.83 -10.97 22.80
N HIS A 381 -13.96 -10.07 22.33
CA HIS A 381 -14.18 -8.64 22.54
C HIS A 381 -15.26 -8.08 21.63
N ALA A 382 -15.26 -8.48 20.36
CA ALA A 382 -16.20 -7.88 19.41
C ALA A 382 -17.64 -8.30 19.69
N ALA A 383 -17.84 -9.54 20.15
CA ALA A 383 -19.19 -10.03 20.42
C ALA A 383 -19.85 -9.25 21.55
N SER A 384 -19.07 -8.91 22.58
CA SER A 384 -19.62 -8.21 23.74
C SER A 384 -19.73 -6.70 23.52
N GLY A 385 -19.16 -6.18 22.44
CA GLY A 385 -19.22 -4.75 22.19
C GLY A 385 -20.52 -4.31 21.55
N ASN A 386 -20.65 -3.00 21.40
CA ASN A 386 -21.82 -2.40 20.77
C ASN A 386 -21.57 -2.19 19.28
N LEU A 387 -22.65 -2.20 18.51
CA LEU A 387 -22.55 -1.94 17.08
C LEU A 387 -22.03 -0.53 16.84
N LEU A 388 -21.11 -0.39 15.89
CA LEU A 388 -20.46 0.88 15.61
C LEU A 388 -20.70 1.27 14.16
N LEU A 389 -21.06 2.53 13.94
CA LEU A 389 -21.26 3.09 12.60
C LEU A 389 -20.49 4.41 12.56
N ASP A 390 -19.24 4.35 12.10
CA ASP A 390 -18.36 5.51 12.06
C ASP A 390 -18.36 6.08 10.64
N LYS A 391 -18.82 7.33 10.52
CA LYS A 391 -18.86 8.01 9.24
C LYS A 391 -17.60 8.82 8.95
N ARG A 392 -16.66 8.88 9.89
CA ARG A 392 -15.41 9.60 9.64
C ARG A 392 -14.56 8.89 8.60
N THR A 393 -14.56 7.57 8.60
CA THR A 393 -13.72 6.78 7.70
C THR A 393 -14.58 5.78 6.94
N THR A 394 -14.11 5.42 5.75
CA THR A 394 -14.78 4.42 4.93
C THR A 394 -14.40 3.00 5.30
N CYS A 395 -13.45 2.81 6.21
CA CYS A 395 -13.05 1.47 6.61
C CYS A 395 -14.18 0.78 7.36
N PHE A 396 -14.25 -0.54 7.19
CA PHE A 396 -15.29 -1.32 7.84
C PHE A 396 -15.18 -1.23 9.35
N SER A 397 -16.31 -0.99 10.01
CA SER A 397 -16.38 -0.90 11.46
C SER A 397 -17.02 -2.17 12.01
N VAL A 398 -16.40 -2.76 13.02
CA VAL A 398 -16.90 -4.00 13.59
C VAL A 398 -17.75 -3.70 14.82
N ALA A 399 -17.14 -3.10 15.84
CA ALA A 399 -17.85 -2.83 17.08
C ALA A 399 -17.10 -1.77 17.86
N ALA A 400 -17.79 -1.20 18.85
CA ALA A 400 -17.21 -0.23 19.77
C ALA A 400 -17.09 -0.88 21.14
N LEU A 401 -15.87 -1.05 21.62
CA LEU A 401 -15.65 -1.72 22.90
C LEU A 401 -15.99 -0.81 24.08
N THR A 402 -15.84 0.49 23.93
CA THR A 402 -16.03 1.45 25.01
C THR A 402 -17.22 2.35 24.70
N ASN A 403 -17.91 2.79 25.75
CA ASN A 403 -19.12 3.58 25.60
C ASN A 403 -18.86 4.97 25.02
N ASN A 404 -17.61 5.41 24.97
CA ASN A 404 -17.28 6.71 24.39
C ASN A 404 -16.06 6.57 23.49
N VAL A 405 -15.94 7.50 22.55
CA VAL A 405 -14.88 7.47 21.55
C VAL A 405 -13.68 8.26 22.08
N ALA A 406 -12.50 7.64 22.00
CA ALA A 406 -11.27 8.33 22.41
C ALA A 406 -10.87 9.37 21.38
N PHE A 407 -10.34 10.49 21.87
CA PHE A 407 -9.95 11.62 21.04
C PHE A 407 -8.54 12.09 21.41
N GLN A 408 -7.61 11.15 21.49
CA GLN A 408 -6.25 11.49 21.90
C GLN A 408 -5.61 12.46 20.90
N THR A 409 -4.79 13.37 21.42
CA THR A 409 -4.15 14.41 20.64
C THR A 409 -2.63 14.27 20.74
N VAL A 410 -1.93 15.14 20.01
CA VAL A 410 -0.47 15.18 20.00
C VAL A 410 -0.03 16.52 20.57
N LYS A 411 0.78 16.48 21.62
CA LYS A 411 1.24 17.69 22.27
C LYS A 411 2.36 18.34 21.47
N PRO A 412 2.47 19.67 21.54
CA PRO A 412 3.63 20.34 20.94
C PRO A 412 4.91 19.99 21.68
N GLY A 413 6.01 20.00 20.95
CA GLY A 413 7.29 19.61 21.52
C GLY A 413 7.81 20.63 22.51
N ASN A 414 8.58 20.14 23.48
CA ASN A 414 9.22 21.01 24.45
C ASN A 414 10.37 21.77 23.80
N PHE A 415 10.72 22.90 24.38
CA PHE A 415 11.74 23.79 23.84
C PHE A 415 12.95 23.83 24.76
N ASN A 416 14.13 23.94 24.15
CA ASN A 416 15.40 24.09 24.88
C ASN A 416 15.90 25.50 24.62
N LYS A 417 15.56 26.41 25.54
CA LYS A 417 15.96 27.80 25.39
C LYS A 417 17.46 28.00 25.57
N ASP A 418 18.10 27.18 26.41
CA ASP A 418 19.52 27.32 26.65
C ASP A 418 20.34 27.09 25.38
N PHE A 419 19.98 26.06 24.60
CA PHE A 419 20.71 25.79 23.37
C PHE A 419 20.42 26.85 22.31
N TYR A 420 19.17 27.31 22.23
CA TYR A 420 18.81 28.31 21.22
C TYR A 420 19.54 29.62 21.46
N ASP A 421 19.63 30.06 22.71
CA ASP A 421 20.35 31.29 23.01
C ASP A 421 21.84 31.15 22.69
N PHE A 422 22.42 29.99 22.99
CA PHE A 422 23.84 29.78 22.69
C PHE A 422 24.09 29.83 21.19
N ALA A 423 23.20 29.20 20.40
CA ALA A 423 23.38 29.23 18.95
C ALA A 423 23.25 30.64 18.39
N VAL A 424 22.27 31.40 18.87
CA VAL A 424 22.10 32.77 18.42
C VAL A 424 23.29 33.62 18.84
N SER A 425 23.80 33.39 20.05
CA SER A 425 24.98 34.13 20.51
C SER A 425 26.19 33.84 19.65
N LYS A 426 26.28 32.65 19.08
CA LYS A 426 27.41 32.25 18.25
C LYS A 426 27.24 32.65 16.79
N GLY A 427 26.13 33.29 16.43
CA GLY A 427 25.92 33.73 15.07
C GLY A 427 25.11 32.77 14.22
N PHE A 428 24.01 32.27 14.76
CA PHE A 428 23.12 31.37 14.06
C PHE A 428 21.71 31.93 14.05
N PHE A 429 20.86 31.33 13.21
CA PHE A 429 19.46 31.72 13.08
C PHE A 429 19.32 33.19 12.71
N LYS A 430 20.20 33.66 11.82
CA LYS A 430 20.12 35.01 11.28
C LYS A 430 19.53 34.97 9.88
N GLU A 431 18.88 36.07 9.50
CA GLU A 431 18.25 36.16 8.19
C GLU A 431 19.30 36.10 7.09
N GLY A 432 18.93 35.46 5.98
CA GLY A 432 19.84 35.30 4.86
C GLY A 432 20.83 34.17 5.00
N SER A 433 20.64 33.27 5.96
CA SER A 433 21.54 32.14 6.17
C SER A 433 20.95 30.88 5.57
N SER A 434 21.82 30.04 5.00
CA SER A 434 21.38 28.80 4.37
C SER A 434 20.92 27.76 5.37
N VAL A 435 21.15 27.97 6.67
CA VAL A 435 20.76 27.03 7.71
C VAL A 435 19.64 27.67 8.52
N GLU A 436 18.49 27.00 8.56
CA GLU A 436 17.35 27.48 9.33
C GLU A 436 16.53 26.28 9.80
N LEU A 437 15.74 26.50 10.84
CA LEU A 437 14.97 25.42 11.44
C LEU A 437 13.83 25.01 10.51
N LYS A 438 13.78 23.72 10.19
CA LYS A 438 12.71 23.17 9.38
C LYS A 438 12.02 21.96 9.99
N HIS A 439 12.54 21.40 11.09
CA HIS A 439 11.97 20.23 11.73
C HIS A 439 11.43 20.62 13.09
N PHE A 440 10.17 20.30 13.35
CA PHE A 440 9.51 20.64 14.60
C PHE A 440 8.61 19.48 15.02
N PHE A 441 8.16 19.53 16.27
CA PHE A 441 7.17 18.59 16.78
C PHE A 441 5.80 19.17 16.51
N PHE A 442 5.24 18.82 15.36
CA PHE A 442 3.94 19.37 14.97
C PHE A 442 2.84 18.80 15.85
N ALA A 443 1.90 19.67 16.23
CA ALA A 443 0.78 19.29 17.08
C ALA A 443 -0.39 18.80 16.24
N GLN A 444 -1.24 17.99 16.87
CA GLN A 444 -2.41 17.42 16.20
C GLN A 444 -3.61 17.50 17.13
N ASP A 445 -4.79 17.53 16.52
CA ASP A 445 -6.05 17.64 17.27
C ASP A 445 -6.57 16.24 17.59
N GLY A 446 -7.80 16.17 18.10
CA GLY A 446 -8.37 14.90 18.53
C GLY A 446 -8.81 13.99 17.41
N ASN A 447 -8.85 14.47 16.17
CA ASN A 447 -9.23 13.65 15.02
C ASN A 447 -8.03 13.07 14.29
N ALA A 448 -6.81 13.28 14.81
CA ALA A 448 -5.62 12.82 14.11
C ALA A 448 -5.56 11.30 14.03
N ALA A 449 -5.93 10.61 15.11
CA ALA A 449 -5.80 9.15 15.15
C ALA A 449 -6.68 8.48 14.09
N ILE A 450 -7.93 8.95 13.96
CA ILE A 450 -8.83 8.31 13.00
C ILE A 450 -8.57 8.83 11.59
N SER A 451 -8.08 10.06 11.45
CA SER A 451 -7.76 10.58 10.13
C SER A 451 -6.56 9.85 9.53
N ASP A 452 -5.56 9.52 10.35
CA ASP A 452 -4.42 8.77 9.85
C ASP A 452 -4.80 7.35 9.46
N TYR A 453 -5.70 6.73 10.23
CA TYR A 453 -6.15 5.38 9.89
C TYR A 453 -6.93 5.36 8.59
N ASP A 454 -7.62 6.46 8.27
CA ASP A 454 -8.39 6.55 7.03
C ASP A 454 -7.50 6.51 5.79
N TYR A 455 -6.19 6.67 5.94
CA TYR A 455 -5.29 6.61 4.81
C TYR A 455 -5.19 5.21 4.21
N TYR A 456 -5.74 4.20 4.89
CA TYR A 456 -5.79 2.86 4.34
C TYR A 456 -6.74 2.75 3.16
N ARG A 457 -7.54 3.79 2.89
CA ARG A 457 -8.39 3.79 1.72
C ARG A 457 -7.60 3.73 0.42
N TYR A 458 -6.30 4.05 0.46
CA TYR A 458 -5.45 3.91 -0.71
C TYR A 458 -5.13 2.46 -1.04
N ASN A 459 -5.44 1.53 -0.14
CA ASN A 459 -5.26 0.12 -0.42
C ASN A 459 -6.46 -0.40 -1.21
N LEU A 460 -6.21 -0.93 -2.39
CA LEU A 460 -7.25 -1.41 -3.28
C LEU A 460 -6.98 -2.85 -3.67
N PRO A 461 -8.02 -3.63 -3.95
CA PRO A 461 -7.81 -5.00 -4.43
C PRO A 461 -7.10 -5.02 -5.77
N THR A 462 -5.86 -5.51 -5.78
CA THR A 462 -5.03 -5.53 -6.99
C THR A 462 -4.78 -6.97 -7.39
N MET A 463 -5.11 -7.30 -8.63
CA MET A 463 -4.83 -8.61 -9.20
C MET A 463 -3.59 -8.49 -10.08
N CYS A 464 -2.60 -9.33 -9.82
CA CYS A 464 -1.32 -9.21 -10.48
C CYS A 464 -1.25 -10.10 -11.72
N ASP A 465 -0.31 -9.75 -12.60
CA ASP A 465 0.04 -10.61 -13.73
C ASP A 465 0.68 -11.87 -13.15
N ILE A 466 -0.08 -12.97 -13.13
CA ILE A 466 0.36 -14.14 -12.37
C ILE A 466 1.56 -14.81 -13.04
N ARG A 467 1.56 -14.87 -14.37
CA ARG A 467 2.70 -15.47 -15.06
C ARG A 467 3.96 -14.63 -14.89
N GLN A 468 3.81 -13.31 -14.96
CA GLN A 468 4.95 -12.43 -14.70
C GLN A 468 5.38 -12.50 -13.24
N LEU A 469 4.43 -12.52 -12.32
CA LEU A 469 4.76 -12.56 -10.90
C LEU A 469 5.44 -13.87 -10.53
N LEU A 470 5.00 -14.99 -11.11
CA LEU A 470 5.58 -16.28 -10.77
C LEU A 470 7.04 -16.36 -11.18
N PHE A 471 7.42 -15.68 -12.27
CA PHE A 471 8.82 -15.63 -12.64
C PHE A 471 9.61 -14.67 -11.75
N VAL A 472 9.00 -13.57 -11.31
CA VAL A 472 9.70 -12.58 -10.52
C VAL A 472 10.12 -13.16 -9.17
N VAL A 473 9.26 -13.96 -8.56
CA VAL A 473 9.57 -14.52 -7.25
C VAL A 473 10.78 -15.45 -7.33
N GLU A 474 10.98 -16.09 -8.49
CA GLU A 474 12.18 -16.91 -8.66
C GLU A 474 13.44 -16.05 -8.68
N VAL A 475 13.38 -14.90 -9.35
CA VAL A 475 14.52 -13.99 -9.35
C VAL A 475 14.70 -13.34 -7.99
N VAL A 476 13.60 -12.97 -7.34
CA VAL A 476 13.68 -12.37 -6.02
C VAL A 476 14.29 -13.34 -5.02
N ASP A 477 13.90 -14.62 -5.11
CA ASP A 477 14.44 -15.63 -4.20
C ASP A 477 15.94 -15.81 -4.38
N LYS A 478 16.49 -15.48 -5.55
CA LYS A 478 17.93 -15.57 -5.75
C LYS A 478 18.68 -14.55 -4.89
N TYR A 479 18.08 -13.40 -4.63
CA TYR A 479 18.71 -12.39 -3.79
C TYR A 479 18.80 -12.82 -2.34
N PHE A 480 18.01 -13.82 -1.93
CA PHE A 480 17.98 -14.28 -0.54
C PHE A 480 18.53 -15.69 -0.39
N ASP A 481 19.27 -16.19 -1.38
CA ASP A 481 19.82 -17.53 -1.32
C ASP A 481 21.08 -17.62 -0.47
N CYS A 482 21.70 -16.49 -0.12
CA CYS A 482 22.92 -16.48 0.67
C CYS A 482 22.64 -16.32 2.16
N TYR A 483 21.46 -16.72 2.62
CA TYR A 483 21.06 -16.56 4.01
C TYR A 483 20.67 -17.90 4.60
N ASP A 484 20.68 -17.96 5.93
CA ASP A 484 20.35 -19.16 6.68
C ASP A 484 19.07 -18.89 7.45
N GLY A 485 18.09 -19.80 7.32
CA GLY A 485 16.81 -19.63 7.99
C GLY A 485 16.28 -20.96 8.49
N GLY A 486 15.21 -20.87 9.26
CA GLY A 486 14.57 -22.06 9.81
C GLY A 486 13.99 -21.77 11.17
N CYS A 487 13.21 -22.72 11.67
CA CYS A 487 12.59 -22.58 12.97
C CYS A 487 13.60 -22.78 14.08
N ILE A 488 13.41 -22.06 15.19
CA ILE A 488 14.25 -22.17 16.37
C ILE A 488 13.37 -22.42 17.58
N ASN A 489 13.99 -22.92 18.63
CA ASN A 489 13.28 -23.21 19.87
C ASN A 489 13.05 -21.93 20.67
N ALA A 490 12.22 -22.05 21.70
CA ALA A 490 11.89 -20.88 22.52
C ALA A 490 13.10 -20.36 23.28
N ASN A 491 14.03 -21.24 23.65
CA ASN A 491 15.20 -20.81 24.40
C ASN A 491 16.27 -20.16 23.53
N GLN A 492 16.15 -20.25 22.21
CA GLN A 492 17.08 -19.61 21.30
C GLN A 492 16.61 -18.24 20.82
N VAL A 493 15.44 -17.80 21.27
CA VAL A 493 14.89 -16.51 20.85
C VAL A 493 15.56 -15.39 21.65
N ILE A 494 15.98 -14.35 20.95
CA ILE A 494 16.60 -13.17 21.57
C ILE A 494 15.61 -12.02 21.47
N VAL A 495 15.23 -11.46 22.62
CA VAL A 495 14.30 -10.35 22.68
C VAL A 495 15.09 -9.08 22.93
N ASN A 496 14.97 -8.12 22.00
CA ASN A 496 15.76 -6.90 22.11
C ASN A 496 15.37 -6.09 23.34
N ASN A 497 14.07 -5.97 23.61
CA ASN A 497 13.60 -5.19 24.76
C ASN A 497 12.29 -5.79 25.24
N LEU A 498 12.26 -6.21 26.50
CA LEU A 498 11.08 -6.81 27.10
C LEU A 498 10.19 -5.79 27.82
N ASP A 499 10.59 -4.52 27.84
CA ASP A 499 9.83 -3.47 28.52
C ASP A 499 8.94 -2.69 27.56
N LYS A 500 8.44 -3.35 26.53
CA LYS A 500 7.56 -2.72 25.55
C LYS A 500 6.13 -3.21 25.73
N SER A 501 5.21 -2.52 25.08
CA SER A 501 3.80 -2.86 25.21
C SER A 501 3.51 -4.22 24.59
N ALA A 502 2.67 -4.99 25.26
CA ALA A 502 2.30 -6.32 24.80
C ALA A 502 1.09 -6.31 23.87
N GLY A 503 0.50 -5.15 23.60
CA GLY A 503 -0.63 -5.04 22.72
C GLY A 503 -1.96 -5.31 23.41
N PHE A 504 -3.03 -5.00 22.69
CA PHE A 504 -4.38 -5.20 23.20
C PHE A 504 -4.74 -6.69 23.18
N PRO A 505 -5.38 -7.21 24.23
CA PRO A 505 -5.71 -6.51 25.47
C PRO A 505 -4.66 -6.71 26.55
N PHE A 506 -3.51 -7.27 26.16
CA PHE A 506 -2.49 -7.65 27.13
C PHE A 506 -1.81 -6.45 27.77
N ASN A 507 -1.94 -5.26 27.18
CA ASN A 507 -1.33 -4.07 27.77
C ASN A 507 -2.05 -3.60 29.02
N LYS A 508 -3.21 -4.17 29.35
CA LYS A 508 -3.95 -3.80 30.54
C LYS A 508 -3.49 -4.55 31.79
N TRP A 509 -2.54 -5.47 31.66
CA TRP A 509 -2.05 -6.23 32.80
C TRP A 509 -0.53 -6.20 32.97
N GLY A 510 0.23 -5.97 31.91
CA GLY A 510 1.67 -5.91 32.05
C GLY A 510 2.32 -5.66 30.71
N LYS A 511 3.65 -5.58 30.74
CA LYS A 511 4.45 -5.38 29.53
C LYS A 511 4.82 -6.74 28.94
N ALA A 512 5.67 -6.73 27.91
CA ALA A 512 6.11 -7.98 27.31
C ALA A 512 6.97 -8.81 28.26
N ARG A 513 7.59 -8.18 29.25
CA ARG A 513 8.39 -8.92 30.22
C ARG A 513 7.54 -9.87 31.04
N LEU A 514 6.32 -9.45 31.40
CA LEU A 514 5.46 -10.27 32.24
C LEU A 514 5.09 -11.58 31.54
N TYR A 515 4.74 -11.52 30.26
CA TYR A 515 4.30 -12.71 29.55
C TYR A 515 5.45 -13.63 29.19
N TYR A 516 6.62 -13.09 28.88
CA TYR A 516 7.77 -13.93 28.61
C TYR A 516 8.23 -14.67 29.88
N ASP A 517 8.13 -14.01 31.03
CA ASP A 517 8.50 -14.65 32.29
C ASP A 517 7.44 -15.66 32.73
N SER A 518 6.15 -15.34 32.51
CA SER A 518 5.08 -16.21 32.98
C SER A 518 5.10 -17.55 32.25
N MET A 519 5.33 -17.54 30.94
CA MET A 519 5.31 -18.76 30.14
C MET A 519 6.67 -19.42 30.15
N SER A 520 6.70 -20.71 30.46
CA SER A 520 7.94 -21.46 30.35
C SER A 520 8.26 -21.74 28.89
N TYR A 521 9.47 -22.23 28.64
CA TYR A 521 9.88 -22.53 27.27
C TYR A 521 8.98 -23.61 26.65
N GLU A 522 8.45 -24.51 27.47
CA GLU A 522 7.52 -25.51 26.96
C GLU A 522 6.22 -24.88 26.50
N ASP A 523 5.72 -23.90 27.27
CA ASP A 523 4.47 -23.23 26.89
C ASP A 523 4.62 -22.44 25.60
N GLN A 524 5.76 -21.75 25.44
CA GLN A 524 6.00 -21.00 24.21
C GLN A 524 6.12 -21.93 23.02
N ASP A 525 6.81 -23.07 23.18
CA ASP A 525 6.91 -24.03 22.10
C ASP A 525 5.56 -24.65 21.78
N ALA A 526 4.75 -24.92 22.82
CA ALA A 526 3.41 -25.46 22.58
C ALA A 526 2.54 -24.46 21.83
N LEU A 527 2.64 -23.17 22.18
CA LEU A 527 1.89 -22.15 21.46
C LEU A 527 2.37 -22.04 20.01
N PHE A 528 3.68 -22.16 19.79
CA PHE A 528 4.20 -22.11 18.42
C PHE A 528 3.70 -23.29 17.59
N ALA A 529 3.67 -24.48 18.19
CA ALA A 529 3.14 -25.64 17.48
C ALA A 529 1.64 -25.51 17.23
N TYR A 530 0.94 -24.77 18.09
CA TYR A 530 -0.49 -24.55 17.90
C TYR A 530 -0.76 -23.76 16.63
N THR A 531 0.07 -22.76 16.35
CA THR A 531 -0.09 -21.94 15.16
C THR A 531 0.24 -22.69 13.87
N LYS A 532 0.88 -23.85 13.97
CA LYS A 532 1.14 -24.67 12.79
C LYS A 532 -0.10 -25.40 12.30
N ARG A 533 -1.14 -25.51 13.14
CA ARG A 533 -2.37 -26.19 12.77
C ARG A 533 -3.61 -25.33 12.90
N ASN A 534 -3.53 -24.18 13.55
CA ASN A 534 -4.69 -23.34 13.78
C ASN A 534 -4.34 -21.89 13.49
N VAL A 535 -5.37 -21.10 13.21
CA VAL A 535 -5.22 -19.68 12.93
C VAL A 535 -5.64 -18.89 14.17
N ILE A 536 -4.78 -17.99 14.62
CA ILE A 536 -5.09 -17.16 15.78
C ILE A 536 -5.22 -15.71 15.32
N PRO A 537 -6.43 -15.22 15.09
CA PRO A 537 -6.59 -13.78 14.82
C PRO A 537 -6.26 -12.97 16.06
N THR A 538 -5.70 -11.79 15.83
CA THR A 538 -5.29 -10.90 16.90
C THR A 538 -5.80 -9.49 16.62
N ILE A 539 -5.62 -8.62 17.61
CA ILE A 539 -6.05 -7.23 17.53
C ILE A 539 -4.82 -6.34 17.56
N THR A 540 -4.73 -5.42 16.61
CA THR A 540 -3.62 -4.49 16.52
C THR A 540 -4.05 -3.12 17.03
N GLN A 541 -3.31 -2.58 17.98
CA GLN A 541 -3.60 -1.28 18.55
C GLN A 541 -2.86 -0.19 17.78
N MET A 542 -3.53 0.95 17.59
CA MET A 542 -2.97 2.08 16.87
C MET A 542 -2.66 3.20 17.86
N ASN A 543 -1.42 3.67 17.85
CA ASN A 543 -0.99 4.77 18.70
C ASN A 543 -0.28 5.82 17.85
N LEU A 544 -0.47 7.08 18.22
CA LEU A 544 0.18 8.17 17.51
C LEU A 544 1.66 8.22 17.87
N LYS A 545 2.48 8.55 16.88
CA LYS A 545 3.92 8.64 17.05
C LYS A 545 4.30 10.08 17.35
N TYR A 546 4.99 10.29 18.47
CA TYR A 546 5.37 11.62 18.93
C TYR A 546 6.85 11.81 18.64
N ALA A 547 7.15 12.31 17.44
CA ALA A 547 8.52 12.46 17.01
C ALA A 547 8.65 13.71 16.15
N ILE A 548 9.89 14.20 16.04
CA ILE A 548 10.17 15.38 15.23
C ILE A 548 10.01 15.05 13.75
N SER A 549 9.55 16.02 12.98
CA SER A 549 9.34 15.83 11.55
C SER A 549 9.30 17.19 10.87
N ALA A 550 9.44 17.17 9.55
CA ALA A 550 9.34 18.37 8.72
C ALA A 550 8.00 18.49 8.04
N LYS A 551 7.03 17.62 8.36
CA LYS A 551 5.73 17.62 7.72
C LYS A 551 4.63 17.71 8.78
N ASN A 552 3.52 18.32 8.38
CA ASN A 552 2.36 18.46 9.31
C ASN A 552 1.63 17.12 9.41
N ARG A 553 2.17 16.08 8.76
CA ARG A 553 1.48 14.76 8.77
C ARG A 553 1.55 14.14 10.16
N ALA A 554 0.47 13.48 10.60
CA ALA A 554 0.52 12.77 11.89
C ALA A 554 1.15 11.40 11.62
N ARG A 555 1.94 10.87 12.56
CA ARG A 555 2.50 9.54 12.40
C ARG A 555 1.86 8.59 13.41
N THR A 556 1.52 7.40 12.94
CA THR A 556 0.91 6.37 13.78
C THR A 556 1.73 5.10 13.69
N VAL A 557 1.76 4.34 14.79
CA VAL A 557 2.48 3.08 14.88
C VAL A 557 1.50 1.99 15.29
N ALA A 558 1.61 0.84 14.64
CA ALA A 558 0.73 -0.29 14.92
C ALA A 558 1.39 -1.22 15.92
N GLY A 559 0.68 -1.53 17.00
CA GLY A 559 1.21 -2.42 18.03
C GLY A 559 0.57 -3.78 18.02
N VAL A 560 1.31 -4.80 17.59
CA VAL A 560 0.78 -6.16 17.54
C VAL A 560 0.77 -6.75 18.94
N SER A 561 -0.10 -7.75 19.13
CA SER A 561 -0.23 -8.39 20.43
C SER A 561 0.97 -9.29 20.71
N ILE A 562 1.13 -9.64 21.98
CA ILE A 562 2.27 -10.46 22.38
C ILE A 562 2.14 -11.87 21.80
N CYS A 563 0.91 -12.35 21.57
CA CYS A 563 0.73 -13.67 21.00
C CYS A 563 1.28 -13.74 19.58
N SER A 564 1.05 -12.70 18.79
CA SER A 564 1.51 -12.72 17.40
C SER A 564 3.03 -12.57 17.30
N THR A 565 3.61 -11.66 18.09
CA THR A 565 5.05 -11.42 17.98
C THR A 565 5.87 -12.54 18.58
N MET A 566 5.32 -13.25 19.57
CA MET A 566 6.06 -14.35 20.18
C MET A 566 6.24 -15.51 19.21
N THR A 567 5.18 -15.86 18.48
CA THR A 567 5.27 -16.97 17.53
C THR A 567 6.03 -16.58 16.26
N ASN A 568 5.97 -15.30 15.87
CA ASN A 568 6.69 -14.87 14.69
C ASN A 568 8.20 -14.90 14.90
N ARG A 569 8.66 -14.64 16.13
CA ARG A 569 10.09 -14.67 16.41
C ARG A 569 10.65 -16.08 16.24
N GLN A 570 9.91 -17.09 16.71
CA GLN A 570 10.37 -18.46 16.56
C GLN A 570 10.37 -18.92 15.10
N PHE A 571 9.70 -18.20 14.22
CA PHE A 571 9.58 -18.59 12.82
C PHE A 571 10.50 -17.82 11.89
N HIS A 572 10.89 -16.59 12.25
CA HIS A 572 11.62 -15.72 11.35
C HIS A 572 12.96 -15.23 11.88
N GLN A 573 13.19 -15.28 13.19
CA GLN A 573 14.37 -14.61 13.75
C GLN A 573 15.68 -15.19 13.22
N LYS A 574 15.73 -16.49 12.95
CA LYS A 574 16.94 -17.09 12.43
C LYS A 574 17.32 -16.51 11.08
N LEU A 575 16.33 -16.33 10.20
CA LEU A 575 16.59 -15.71 8.90
C LEU A 575 16.87 -14.22 9.05
N LEU A 576 16.12 -13.53 9.90
CA LEU A 576 16.30 -12.09 10.08
C LEU A 576 17.69 -11.78 10.63
N LYS A 577 18.15 -12.56 11.61
CA LYS A 577 19.48 -12.35 12.16
C LYS A 577 20.55 -12.61 11.12
N SER A 578 20.34 -13.62 10.26
CA SER A 578 21.31 -13.90 9.20
C SER A 578 21.40 -12.76 8.21
N ILE A 579 20.25 -12.14 7.88
CA ILE A 579 20.26 -11.00 6.95
C ILE A 579 21.01 -9.83 7.56
N ALA A 580 20.78 -9.55 8.85
CA ALA A 580 21.42 -8.41 9.49
C ALA A 580 22.91 -8.62 9.72
N ALA A 581 23.39 -9.87 9.68
CA ALA A 581 24.78 -10.19 9.95
C ALA A 581 25.59 -10.42 8.68
N THR A 582 25.05 -10.11 7.52
CA THR A 582 25.71 -10.34 6.25
C THR A 582 26.17 -9.01 5.66
N ARG A 583 27.40 -8.97 5.17
CA ARG A 583 27.98 -7.78 4.57
C ARG A 583 28.21 -8.02 3.08
N GLY A 584 28.01 -6.97 2.28
CA GLY A 584 28.24 -7.04 0.86
C GLY A 584 27.07 -7.56 0.04
N ALA A 585 25.95 -7.89 0.67
CA ALA A 585 24.78 -8.38 -0.04
C ALA A 585 23.94 -7.20 -0.55
N THR A 586 22.91 -7.55 -1.32
CA THR A 586 22.00 -6.52 -1.83
C THR A 586 21.25 -5.82 -0.70
N VAL A 587 20.76 -6.58 0.27
CA VAL A 587 20.08 -6.01 1.43
C VAL A 587 21.12 -5.58 2.44
N VAL A 588 21.10 -4.31 2.82
CA VAL A 588 22.11 -3.74 3.70
C VAL A 588 21.54 -3.48 5.10
N ILE A 589 20.48 -4.19 5.47
CA ILE A 589 19.96 -4.07 6.83
C ILE A 589 20.97 -4.65 7.81
N GLY A 590 21.28 -3.90 8.86
CA GLY A 590 22.24 -4.32 9.84
C GLY A 590 23.67 -3.89 9.56
N THR A 591 23.92 -3.22 8.44
CA THR A 591 25.26 -2.73 8.11
C THR A 591 25.43 -1.34 8.71
N SER A 592 26.44 -1.18 9.56
CA SER A 592 26.69 0.10 10.21
C SER A 592 27.28 1.10 9.21
N LYS A 593 26.87 2.36 9.35
CA LYS A 593 27.43 3.43 8.53
C LYS A 593 28.73 3.99 9.10
N PHE A 594 29.10 3.60 10.31
CA PHE A 594 30.31 4.09 10.94
C PHE A 594 31.51 3.20 10.61
N TYR A 595 32.70 3.70 10.95
CA TYR A 595 33.94 2.96 10.79
C TYR A 595 34.16 2.52 9.34
N GLY A 596 33.84 3.40 8.40
CA GLY A 596 34.00 3.11 6.99
C GLY A 596 32.91 2.26 6.39
N GLY A 597 31.85 1.95 7.14
CA GLY A 597 30.78 1.13 6.60
C GLY A 597 30.05 1.80 5.45
N TRP A 598 29.88 3.11 5.53
CA TRP A 598 29.23 3.84 4.43
C TRP A 598 30.04 3.72 3.15
N HIS A 599 31.37 3.83 3.26
CA HIS A 599 32.22 3.70 2.07
C HIS A 599 32.13 2.29 1.49
N ASN A 600 32.12 1.27 2.34
CA ASN A 600 32.05 -0.11 1.86
C ASN A 600 30.71 -0.38 1.18
N MET A 601 29.62 0.19 1.72
CA MET A 601 28.32 0.01 1.11
C MET A 601 28.27 0.62 -0.29
N LEU A 602 28.89 1.78 -0.47
CA LEU A 602 28.87 2.42 -1.79
C LEU A 602 29.76 1.69 -2.78
N LYS A 603 30.89 1.14 -2.32
CA LYS A 603 31.76 0.39 -3.22
C LYS A 603 31.12 -0.91 -3.66
N THR A 604 30.31 -1.53 -2.79
CA THR A 604 29.63 -2.77 -3.16
C THR A 604 28.65 -2.55 -4.30
N VAL A 605 27.88 -1.45 -4.25
CA VAL A 605 26.89 -1.19 -5.28
C VAL A 605 27.52 -0.68 -6.58
N TYR A 606 28.77 -0.20 -6.53
CA TYR A 606 29.50 0.21 -7.72
C TYR A 606 30.29 -0.94 -8.34
N SER A 607 29.83 -2.18 -8.19
CA SER A 607 30.67 -3.35 -8.39
C SER A 607 31.32 -3.42 -9.76
N ASP A 608 30.51 -3.61 -10.82
CA ASP A 608 31.10 -3.83 -12.15
C ASP A 608 30.28 -3.16 -13.25
N VAL A 609 29.61 -2.07 -12.94
CA VAL A 609 28.77 -1.40 -13.93
C VAL A 609 29.66 -0.60 -14.88
N GLU A 610 29.56 -0.90 -16.18
CA GLU A 610 30.48 -0.32 -17.15
C GLU A 610 30.18 1.15 -17.44
N ASN A 611 28.90 1.51 -17.53
CA ASN A 611 28.49 2.89 -17.76
C ASN A 611 27.53 3.28 -16.64
N PRO A 612 28.07 3.64 -15.48
CA PRO A 612 27.24 3.75 -14.27
C PRO A 612 26.61 5.12 -14.07
N HIS A 613 25.32 5.09 -13.72
CA HIS A 613 24.62 6.22 -13.16
C HIS A 613 23.89 5.77 -11.91
N LEU A 614 23.67 6.71 -10.99
CA LEU A 614 22.99 6.40 -9.75
C LEU A 614 21.53 6.82 -9.84
N MET A 615 20.65 6.01 -9.24
CA MET A 615 19.22 6.24 -9.31
C MET A 615 18.60 5.90 -7.97
N GLY A 616 17.62 6.70 -7.55
CA GLY A 616 16.91 6.45 -6.32
C GLY A 616 15.46 6.86 -6.45
N TRP A 617 14.62 6.23 -5.63
CA TRP A 617 13.19 6.49 -5.68
C TRP A 617 12.61 6.24 -4.28
N ASP A 618 11.36 6.65 -4.12
CA ASP A 618 10.61 6.36 -2.90
C ASP A 618 9.20 5.94 -3.27
N TYR A 619 8.59 5.14 -2.38
CA TYR A 619 7.26 4.61 -2.62
C TYR A 619 6.23 5.49 -1.94
N PRO A 620 5.31 6.12 -2.68
CA PRO A 620 4.27 6.91 -2.03
C PRO A 620 3.29 6.01 -1.28
N LYS A 621 3.08 6.32 0.00
CA LYS A 621 2.16 5.57 0.85
C LYS A 621 2.49 4.07 0.84
N CYS A 622 3.76 3.77 1.10
CA CYS A 622 4.23 2.40 0.99
C CYS A 622 3.53 1.48 1.98
N ASP A 623 3.35 1.94 3.22
CA ASP A 623 2.72 1.11 4.24
C ASP A 623 1.21 0.99 4.07
N ARG A 624 0.61 1.82 3.23
CA ARG A 624 -0.84 1.84 3.05
C ARG A 624 -1.30 1.30 1.72
N ALA A 625 -0.53 1.53 0.65
CA ALA A 625 -0.93 1.16 -0.70
C ALA A 625 -0.31 -0.14 -1.18
N MET A 626 0.36 -0.88 -0.30
CA MET A 626 0.97 -2.14 -0.71
C MET A 626 -0.11 -3.18 -0.99
N PRO A 627 -0.16 -3.76 -2.18
CA PRO A 627 -1.19 -4.77 -2.46
C PRO A 627 -1.01 -6.01 -1.61
N ASN A 628 -2.13 -6.67 -1.32
CA ASN A 628 -2.10 -7.87 -0.50
C ASN A 628 -1.36 -9.00 -1.20
N MET A 629 -1.39 -9.05 -2.53
CA MET A 629 -0.69 -10.10 -3.26
C MET A 629 0.81 -10.01 -3.05
N LEU A 630 1.36 -8.80 -3.06
CA LEU A 630 2.79 -8.63 -2.84
C LEU A 630 3.17 -8.89 -1.39
N ARG A 631 2.30 -8.51 -0.44
CA ARG A 631 2.58 -8.80 0.96
C ARG A 631 2.58 -10.30 1.22
N ILE A 632 1.65 -11.04 0.62
CA ILE A 632 1.64 -12.49 0.73
C ILE A 632 2.89 -13.06 0.05
N MET A 633 3.27 -12.50 -1.09
CA MET A 633 4.46 -12.96 -1.80
C MET A 633 5.71 -12.79 -0.94
N ALA A 634 5.83 -11.67 -0.23
CA ALA A 634 6.99 -11.44 0.61
C ALA A 634 7.10 -12.46 1.72
N SER A 635 5.96 -12.82 2.33
CA SER A 635 5.97 -13.84 3.37
C SER A 635 6.36 -15.20 2.82
N LEU A 636 5.93 -15.51 1.60
CA LEU A 636 6.29 -16.80 0.99
C LEU A 636 7.78 -16.89 0.72
N VAL A 637 8.40 -15.78 0.31
CA VAL A 637 9.84 -15.78 0.07
C VAL A 637 10.59 -16.00 1.37
N LEU A 638 10.17 -15.33 2.44
CA LEU A 638 10.83 -15.52 3.74
C LEU A 638 10.60 -16.91 4.29
N ALA A 639 9.49 -17.55 3.94
CA ALA A 639 9.19 -18.89 4.41
C ALA A 639 9.83 -19.98 3.57
N ARG A 640 10.55 -19.63 2.51
CA ARG A 640 11.21 -20.63 1.67
C ARG A 640 12.41 -21.26 2.36
N LYS A 641 12.84 -20.73 3.51
CA LYS A 641 13.95 -21.31 4.26
C LYS A 641 13.50 -22.43 5.19
N HIS A 642 12.21 -22.75 5.22
CA HIS A 642 11.66 -23.79 6.09
C HIS A 642 11.37 -25.08 5.33
N THR A 643 12.20 -25.42 4.35
CA THR A 643 11.97 -26.61 3.55
C THR A 643 12.21 -27.90 4.32
N THR A 644 12.99 -27.86 5.41
CA THR A 644 13.33 -29.05 6.16
C THR A 644 12.71 -29.11 7.56
N CYS A 645 12.26 -27.98 8.10
CA CYS A 645 11.70 -27.97 9.44
C CYS A 645 10.18 -27.91 9.46
N CYS A 646 9.54 -27.59 8.35
CA CYS A 646 8.10 -27.46 8.29
C CYS A 646 7.56 -28.23 7.09
N SER A 647 6.35 -28.76 7.25
CA SER A 647 5.67 -29.46 6.17
C SER A 647 4.86 -28.47 5.34
N LEU A 648 4.17 -28.99 4.31
CA LEU A 648 3.37 -28.13 3.45
C LEU A 648 2.22 -27.49 4.23
N SER A 649 1.54 -28.27 5.07
CA SER A 649 0.42 -27.72 5.84
C SER A 649 0.90 -26.78 6.92
N HIS A 650 2.05 -27.07 7.54
CA HIS A 650 2.59 -26.19 8.57
C HIS A 650 2.94 -24.83 7.99
N ARG A 651 3.53 -24.80 6.79
CA ARG A 651 3.90 -23.54 6.18
C ARG A 651 2.68 -22.73 5.75
N PHE A 652 1.58 -23.41 5.39
CA PHE A 652 0.38 -22.68 5.00
C PHE A 652 -0.26 -21.99 6.20
N TYR A 653 -0.40 -22.72 7.32
CA TYR A 653 -1.02 -22.13 8.50
C TYR A 653 -0.18 -21.00 9.07
N ARG A 654 1.14 -21.09 8.96
CA ARG A 654 1.99 -19.96 9.35
C ARG A 654 1.73 -18.75 8.46
N LEU A 655 1.56 -18.98 7.15
CA LEU A 655 1.19 -17.89 6.25
C LEU A 655 -0.20 -17.36 6.57
N ALA A 656 -1.14 -18.25 6.87
CA ALA A 656 -2.49 -17.83 7.22
C ALA A 656 -2.49 -17.02 8.52
N ASN A 657 -1.67 -17.41 9.48
CA ASN A 657 -1.58 -16.65 10.72
C ASN A 657 -1.05 -15.25 10.47
N GLU A 658 -0.03 -15.12 9.63
CA GLU A 658 0.50 -13.80 9.32
C GLU A 658 -0.53 -12.95 8.58
N CYS A 659 -1.28 -13.55 7.66
CA CYS A 659 -2.29 -12.81 6.92
C CYS A 659 -3.42 -12.34 7.84
N ALA A 660 -3.67 -13.07 8.92
CA ALA A 660 -4.73 -12.71 9.86
C ALA A 660 -4.22 -11.90 11.05
N GLN A 661 -2.95 -11.51 11.06
CA GLN A 661 -2.40 -10.80 12.21
C GLN A 661 -1.77 -9.47 11.81
N VAL A 662 -1.14 -9.41 10.63
CA VAL A 662 -0.41 -8.21 10.23
C VAL A 662 -0.83 -7.76 8.83
N LEU A 663 -1.84 -8.43 8.25
CA LEU A 663 -2.30 -8.07 6.92
C LEU A 663 -3.75 -7.59 6.90
N SER A 664 -4.67 -8.36 7.46
CA SER A 664 -6.08 -8.01 7.48
C SER A 664 -6.66 -8.25 8.87
N GLU A 665 -5.94 -7.78 9.89
CA GLU A 665 -6.32 -7.99 11.27
C GLU A 665 -7.25 -6.88 11.76
N MET A 666 -7.83 -7.12 12.93
CA MET A 666 -8.63 -6.09 13.58
C MET A 666 -7.74 -4.96 14.08
N VAL A 667 -8.26 -3.74 14.01
CA VAL A 667 -7.53 -2.54 14.42
C VAL A 667 -8.23 -1.94 15.64
N MET A 668 -7.46 -1.71 16.70
CA MET A 668 -7.98 -1.16 17.94
C MET A 668 -7.62 0.32 17.99
N CYS A 669 -8.45 1.14 17.34
CA CYS A 669 -8.19 2.56 17.18
C CYS A 669 -9.22 3.35 17.97
N GLY A 670 -8.76 4.05 19.01
CA GLY A 670 -9.63 4.94 19.77
C GLY A 670 -10.80 4.25 20.45
N GLY A 671 -10.58 3.07 21.02
CA GLY A 671 -11.63 2.35 21.70
C GLY A 671 -12.60 1.62 20.80
N SER A 672 -12.36 1.61 19.49
CA SER A 672 -13.27 0.98 18.54
C SER A 672 -12.50 0.00 17.66
N LEU A 673 -13.20 -1.02 17.19
CA LEU A 673 -12.63 -2.06 16.35
C LEU A 673 -12.92 -1.77 14.89
N TYR A 674 -11.91 -1.87 14.04
CA TYR A 674 -12.05 -1.66 12.61
C TYR A 674 -11.41 -2.83 11.87
N VAL A 675 -11.63 -2.87 10.57
CA VAL A 675 -11.08 -3.89 9.69
C VAL A 675 -10.00 -3.26 8.84
N LYS A 676 -8.79 -3.80 8.91
CA LYS A 676 -7.68 -3.28 8.13
C LYS A 676 -7.76 -3.81 6.70
N PRO A 677 -7.93 -2.95 5.70
CA PRO A 677 -8.03 -3.45 4.31
C PRO A 677 -6.80 -4.22 3.86
N GLY A 678 -5.61 -3.80 4.30
CA GLY A 678 -4.39 -4.43 3.85
C GLY A 678 -3.20 -3.54 4.16
N GLY A 679 -2.12 -3.77 3.42
CA GLY A 679 -0.89 -3.05 3.63
C GLY A 679 0.08 -3.81 4.51
N THR A 680 0.89 -3.09 5.27
CA THR A 680 1.84 -3.71 6.18
C THR A 680 1.75 -3.03 7.54
N SER A 681 1.98 -3.81 8.59
CA SER A 681 1.96 -3.31 9.95
C SER A 681 3.36 -2.85 10.35
N SER A 682 3.45 -1.64 10.93
CA SER A 682 4.74 -1.12 11.33
C SER A 682 5.35 -1.96 12.44
N GLY A 683 4.54 -2.43 13.38
CA GLY A 683 5.02 -3.18 14.52
C GLY A 683 5.27 -4.65 14.29
N ASP A 684 5.09 -5.14 13.07
CA ASP A 684 5.40 -6.54 12.77
C ASP A 684 6.90 -6.76 12.86
N ALA A 685 7.28 -7.96 13.32
CA ALA A 685 8.69 -8.26 13.55
C ALA A 685 9.49 -8.27 12.26
N THR A 686 8.85 -8.52 11.12
CA THR A 686 9.53 -8.64 9.84
C THR A 686 9.19 -7.49 8.89
N THR A 687 8.77 -6.34 9.42
CA THR A 687 8.33 -5.24 8.57
C THR A 687 9.46 -4.73 7.68
N ALA A 688 10.63 -4.50 8.26
CA ALA A 688 11.75 -3.99 7.47
C ALA A 688 12.21 -4.98 6.43
N TYR A 689 12.21 -6.28 6.77
CA TYR A 689 12.67 -7.29 5.83
C TYR A 689 11.62 -7.61 4.78
N ALA A 690 10.34 -7.56 5.15
CA ALA A 690 9.28 -7.77 4.17
C ALA A 690 9.27 -6.65 3.14
N ASN A 691 9.48 -5.41 3.58
CA ASN A 691 9.54 -4.29 2.64
C ASN A 691 10.74 -4.41 1.71
N SER A 692 11.84 -5.03 2.18
CA SER A 692 12.98 -5.25 1.31
C SER A 692 12.64 -6.22 0.18
N VAL A 693 11.91 -7.28 0.50
CA VAL A 693 11.46 -8.21 -0.55
C VAL A 693 10.53 -7.50 -1.53
N PHE A 694 9.62 -6.67 -1.00
CA PHE A 694 8.72 -5.92 -1.87
C PHE A 694 9.50 -4.95 -2.74
N ASN A 695 10.53 -4.31 -2.19
CA ASN A 695 11.35 -3.38 -2.96
C ASN A 695 12.05 -4.08 -4.12
N ILE A 696 12.59 -5.27 -3.86
CA ILE A 696 13.31 -6.00 -4.91
C ILE A 696 12.34 -6.46 -6.00
N CYS A 697 11.12 -6.86 -5.60
CA CYS A 697 10.15 -7.34 -6.57
C CYS A 697 9.79 -6.27 -7.58
N GLN A 698 9.56 -5.04 -7.12
CA GLN A 698 9.24 -3.96 -8.04
C GLN A 698 10.42 -3.63 -8.95
N ALA A 699 11.64 -3.69 -8.42
CA ALA A 699 12.82 -3.45 -9.24
C ALA A 699 12.98 -4.52 -10.32
N VAL A 700 12.74 -5.78 -9.97
CA VAL A 700 12.84 -6.85 -10.96
C VAL A 700 11.69 -6.75 -11.96
N THR A 701 10.49 -6.41 -11.49
CA THR A 701 9.35 -6.26 -12.38
C THR A 701 9.57 -5.14 -13.37
N ALA A 702 10.17 -4.03 -12.92
CA ALA A 702 10.47 -2.93 -13.83
C ALA A 702 11.46 -3.35 -14.90
N ASN A 703 12.46 -4.15 -14.52
CA ASN A 703 13.43 -4.64 -15.50
C ASN A 703 12.79 -5.60 -16.49
N VAL A 704 11.90 -6.47 -16.01
CA VAL A 704 11.20 -7.39 -16.90
C VAL A 704 10.33 -6.62 -17.89
N ASN A 705 9.60 -5.63 -17.38
CA ASN A 705 8.72 -4.84 -18.25
C ASN A 705 9.54 -4.01 -19.24
N ALA A 706 10.67 -3.47 -18.79
CA ALA A 706 11.51 -2.67 -19.70
C ALA A 706 12.05 -3.51 -20.84
N LEU A 707 12.49 -4.74 -20.55
CA LEU A 707 13.07 -5.58 -21.58
C LEU A 707 12.00 -6.15 -22.51
N LEU A 708 10.81 -6.46 -21.97
CA LEU A 708 9.75 -7.01 -22.79
C LEU A 708 9.01 -5.96 -23.61
N SER A 709 9.12 -4.69 -23.24
CA SER A 709 8.43 -3.61 -23.94
C SER A 709 9.32 -2.90 -24.94
N THR A 710 10.53 -3.40 -25.18
CA THR A 710 11.41 -2.82 -26.19
C THR A 710 11.31 -3.62 -27.49
N ASP A 711 11.63 -2.95 -28.59
CA ASP A 711 11.53 -3.60 -29.90
C ASP A 711 12.68 -4.58 -30.07
N GLY A 712 12.34 -5.84 -30.33
CA GLY A 712 13.37 -6.86 -30.48
C GLY A 712 14.26 -6.63 -31.69
N ASN A 713 13.67 -6.14 -32.79
CA ASN A 713 14.45 -5.89 -34.00
C ASN A 713 15.46 -4.77 -33.78
N LYS A 714 15.10 -3.76 -32.99
CA LYS A 714 15.98 -2.62 -32.76
C LYS A 714 17.15 -2.95 -31.86
N ILE A 715 17.12 -4.07 -31.15
CA ILE A 715 18.23 -4.45 -30.28
C ILE A 715 19.40 -4.92 -31.15
N ALA A 716 20.58 -4.33 -30.93
CA ALA A 716 21.75 -4.67 -31.71
C ALA A 716 22.54 -5.84 -31.12
N ASP A 717 22.45 -6.05 -29.82
CA ASP A 717 23.20 -7.12 -29.16
C ASP A 717 22.49 -8.45 -29.37
N LYS A 718 23.23 -9.44 -29.87
CA LYS A 718 22.65 -10.77 -30.06
C LYS A 718 22.30 -11.41 -28.73
N TYR A 719 23.16 -11.26 -27.72
CA TYR A 719 22.90 -11.88 -26.42
C TYR A 719 21.66 -11.30 -25.77
N VAL A 720 21.48 -9.99 -25.86
CA VAL A 720 20.32 -9.36 -25.24
C VAL A 720 19.04 -9.76 -25.95
N ARG A 721 19.06 -9.79 -27.28
CA ARG A 721 17.87 -10.19 -28.05
C ARG A 721 17.48 -11.62 -27.73
N ASN A 722 18.47 -12.51 -27.64
CA ASN A 722 18.18 -13.88 -27.22
C ASN A 722 17.69 -13.92 -25.78
N LEU A 723 18.24 -13.07 -24.92
CA LEU A 723 17.77 -13.00 -23.54
C LEU A 723 16.32 -12.55 -23.48
N GLN A 724 15.95 -11.56 -24.29
CA GLN A 724 14.57 -11.10 -24.32
C GLN A 724 13.63 -12.18 -24.84
N HIS A 725 14.05 -12.91 -25.88
CA HIS A 725 13.20 -13.95 -26.44
C HIS A 725 12.93 -15.07 -25.43
N ARG A 726 13.96 -15.46 -24.68
CA ARG A 726 13.76 -16.49 -23.67
C ARG A 726 13.00 -15.95 -22.46
N LEU A 727 13.09 -14.65 -22.20
CA LEU A 727 12.34 -14.06 -21.11
C LEU A 727 10.84 -14.16 -21.35
N TYR A 728 10.39 -13.86 -22.57
CA TYR A 728 8.99 -14.05 -22.92
C TYR A 728 8.62 -15.53 -22.85
N GLU A 729 9.52 -16.40 -23.29
CA GLU A 729 9.24 -17.84 -23.30
C GLU A 729 9.04 -18.38 -21.89
N CYS A 730 9.84 -17.91 -20.93
CA CYS A 730 9.71 -18.40 -19.56
C CYS A 730 8.42 -17.91 -18.92
N LEU A 731 8.02 -16.67 -19.19
CA LEU A 731 6.84 -16.10 -18.53
C LEU A 731 5.56 -16.73 -19.04
N TYR A 732 5.39 -16.82 -20.36
CA TYR A 732 4.09 -17.14 -20.94
C TYR A 732 4.05 -18.44 -21.73
N ARG A 733 5.15 -19.20 -21.78
CA ARG A 733 5.15 -20.46 -22.51
C ARG A 733 5.61 -21.66 -21.69
N ASN A 734 6.18 -21.46 -20.51
CA ASN A 734 6.59 -22.55 -19.63
C ASN A 734 5.92 -22.38 -18.28
N ARG A 735 5.29 -23.46 -17.79
CA ARG A 735 4.64 -23.44 -16.49
C ARG A 735 5.55 -23.91 -15.37
N ASP A 736 6.72 -24.43 -15.69
CA ASP A 736 7.67 -24.90 -14.69
C ASP A 736 8.85 -23.95 -14.58
N VAL A 737 9.53 -24.01 -13.44
CA VAL A 737 10.64 -23.12 -13.16
C VAL A 737 11.86 -23.55 -13.96
N ASP A 738 12.41 -22.62 -14.73
CA ASP A 738 13.63 -22.87 -15.50
C ASP A 738 14.79 -22.24 -14.72
N THR A 739 15.39 -23.04 -13.85
CA THR A 739 16.47 -22.54 -13.00
C THR A 739 17.68 -22.10 -13.83
N ASP A 740 17.85 -22.67 -15.02
CA ASP A 740 18.95 -22.25 -15.89
C ASP A 740 18.79 -20.80 -16.33
N PHE A 741 17.57 -20.42 -16.71
CA PHE A 741 17.34 -19.03 -17.12
C PHE A 741 17.25 -18.09 -15.93
N VAL A 742 16.74 -18.57 -14.79
CA VAL A 742 16.66 -17.72 -13.60
C VAL A 742 18.05 -17.26 -13.18
N ASN A 743 19.02 -18.18 -13.20
CA ASN A 743 20.40 -17.81 -12.88
C ASN A 743 20.94 -16.81 -13.90
N GLU A 744 20.66 -17.04 -15.19
CA GLU A 744 21.15 -16.13 -16.21
C GLU A 744 20.57 -14.73 -16.07
N PHE A 745 19.27 -14.65 -15.79
CA PHE A 745 18.64 -13.34 -15.62
C PHE A 745 19.13 -12.65 -14.34
N TYR A 746 19.30 -13.43 -13.26
CA TYR A 746 19.81 -12.87 -12.02
C TYR A 746 21.23 -12.35 -12.20
N ALA A 747 22.07 -13.11 -12.92
CA ALA A 747 23.42 -12.63 -13.21
C ALA A 747 23.39 -11.39 -14.09
N TYR A 748 22.44 -11.34 -15.03
CA TYR A 748 22.29 -10.16 -15.87
C TYR A 748 21.92 -8.94 -15.04
N LEU A 749 21.01 -9.11 -14.07
CA LEU A 749 20.63 -8.01 -13.21
C LEU A 749 21.79 -7.56 -12.32
N ARG A 750 22.55 -8.51 -11.77
CA ARG A 750 23.65 -8.17 -10.89
C ARG A 750 24.74 -7.40 -11.62
N LYS A 751 24.89 -7.61 -12.93
CA LYS A 751 25.94 -6.97 -13.70
C LYS A 751 25.55 -5.58 -14.18
N HIS A 752 24.28 -5.39 -14.57
CA HIS A 752 23.84 -4.12 -15.15
C HIS A 752 22.89 -3.34 -14.26
N PHE A 753 22.32 -3.94 -13.22
CA PHE A 753 21.36 -3.28 -12.35
C PHE A 753 21.65 -3.58 -10.89
N SER A 754 22.92 -3.44 -10.50
CA SER A 754 23.30 -3.65 -9.11
C SER A 754 22.62 -2.61 -8.23
N MET A 755 22.06 -3.06 -7.11
CA MET A 755 21.32 -2.17 -6.24
C MET A 755 21.63 -2.47 -4.78
N MET A 756 21.56 -1.42 -3.96
CA MET A 756 21.68 -1.52 -2.51
C MET A 756 20.34 -1.14 -1.90
N ILE A 757 19.74 -2.07 -1.16
CA ILE A 757 18.35 -1.95 -0.77
C ILE A 757 18.22 -2.13 0.74
N LEU A 758 17.56 -1.20 1.38
CA LEU A 758 17.07 -1.32 2.75
C LEU A 758 15.55 -1.39 2.66
N SER A 759 14.88 -1.34 3.81
CA SER A 759 13.43 -1.55 3.87
C SER A 759 12.67 -0.86 2.74
N ASP A 760 12.79 0.47 2.63
CA ASP A 760 12.14 1.20 1.56
C ASP A 760 13.08 2.03 0.71
N ASP A 761 14.13 2.60 1.30
CA ASP A 761 15.10 3.36 0.52
C ASP A 761 15.94 2.42 -0.32
N ALA A 762 16.20 2.82 -1.56
CA ALA A 762 16.99 1.99 -2.48
C ALA A 762 17.88 2.88 -3.33
N VAL A 763 19.09 2.39 -3.60
CA VAL A 763 20.03 3.06 -4.49
C VAL A 763 20.48 2.05 -5.54
N VAL A 764 20.40 2.45 -6.80
CA VAL A 764 20.70 1.57 -7.93
C VAL A 764 21.84 2.18 -8.73
N CYS A 765 22.87 1.37 -8.99
CA CYS A 765 23.93 1.72 -9.94
C CYS A 765 23.68 0.90 -11.20
N PHE A 766 23.14 1.53 -12.23
CA PHE A 766 22.70 0.85 -13.43
C PHE A 766 23.56 1.25 -14.62
N ASN A 767 23.54 0.39 -15.65
CA ASN A 767 24.23 0.66 -16.90
C ASN A 767 23.47 1.74 -17.66
N SER A 768 24.08 2.92 -17.79
CA SER A 768 23.40 4.05 -18.41
C SER A 768 23.13 3.77 -19.89
N THR A 769 24.09 3.17 -20.58
CA THR A 769 23.90 2.87 -22.01
C THR A 769 22.73 1.90 -22.22
N TYR A 770 22.64 0.87 -21.38
CA TYR A 770 21.55 -0.08 -21.50
C TYR A 770 20.20 0.56 -21.20
N ALA A 771 20.16 1.45 -20.21
CA ALA A 771 18.91 2.10 -19.85
C ALA A 771 18.40 2.99 -20.98
N SER A 772 19.30 3.68 -21.67
CA SER A 772 18.89 4.55 -22.78
C SER A 772 18.27 3.74 -23.91
N GLN A 773 18.68 2.49 -24.08
CA GLN A 773 18.12 1.61 -25.10
C GLN A 773 16.97 0.76 -24.58
N GLY A 774 16.57 0.94 -23.33
CA GLY A 774 15.49 0.15 -22.76
C GLY A 774 15.89 -1.25 -22.35
N LEU A 775 17.19 -1.55 -22.27
CA LEU A 775 17.63 -2.89 -21.90
C LEU A 775 17.48 -3.14 -20.40
N VAL A 776 17.54 -2.10 -19.58
CA VAL A 776 17.35 -2.21 -18.15
C VAL A 776 16.35 -1.15 -17.71
N ALA A 777 15.81 -1.33 -16.50
CA ALA A 777 14.79 -0.43 -15.99
C ALA A 777 15.36 0.97 -15.73
N SER A 778 14.48 1.96 -15.82
CA SER A 778 14.83 3.34 -15.52
C SER A 778 13.71 3.92 -14.65
N ILE A 779 13.76 5.24 -14.44
CA ILE A 779 12.73 5.90 -13.63
C ILE A 779 11.37 5.78 -14.30
N LYS A 780 11.34 5.89 -15.64
CA LYS A 780 10.08 5.79 -16.36
C LYS A 780 9.43 4.42 -16.17
N ASN A 781 10.24 3.36 -16.19
CA ASN A 781 9.69 2.01 -16.02
C ASN A 781 9.14 1.81 -14.61
N PHE A 782 9.82 2.39 -13.61
CA PHE A 782 9.34 2.27 -12.23
C PHE A 782 8.00 2.95 -12.05
N LYS A 783 7.82 4.12 -12.68
CA LYS A 783 6.55 4.82 -12.58
C LYS A 783 5.41 3.99 -13.18
N SER A 784 5.67 3.36 -14.32
CA SER A 784 4.65 2.54 -14.97
C SER A 784 4.28 1.33 -14.10
N VAL A 785 5.29 0.69 -13.51
CA VAL A 785 5.03 -0.50 -12.69
C VAL A 785 4.22 -0.13 -11.46
N LEU A 786 4.57 0.98 -10.80
CA LEU A 786 3.84 1.40 -9.61
C LEU A 786 2.41 1.82 -9.92
N TYR A 787 2.11 2.18 -11.17
CA TYR A 787 0.77 2.63 -11.51
C TYR A 787 -0.22 1.48 -11.52
N TYR A 788 0.15 0.36 -12.14
CA TYR A 788 -0.77 -0.76 -12.28
C TYR A 788 -0.56 -1.85 -11.25
N GLN A 789 0.61 -1.93 -10.63
CA GLN A 789 0.89 -2.96 -9.64
C GLN A 789 0.93 -2.44 -8.22
N ASN A 790 0.82 -1.11 -8.03
CA ASN A 790 0.83 -0.53 -6.69
C ASN A 790 -0.26 0.49 -6.47
N ASN A 791 -1.00 0.90 -7.50
CA ASN A 791 -2.11 1.84 -7.39
C ASN A 791 -1.67 3.18 -6.84
N VAL A 792 -0.45 3.61 -7.16
CA VAL A 792 0.04 4.93 -6.80
C VAL A 792 0.75 5.54 -8.00
N PHE A 793 0.83 6.86 -8.01
CA PHE A 793 1.57 7.59 -9.03
C PHE A 793 2.82 8.18 -8.37
N MET A 794 3.99 7.83 -8.91
CA MET A 794 5.27 8.29 -8.38
C MET A 794 5.75 9.44 -9.26
N SER A 795 5.65 10.66 -8.75
CA SER A 795 6.11 11.81 -9.50
C SER A 795 7.64 11.80 -9.63
N GLU A 796 8.13 12.22 -10.79
CA GLU A 796 9.57 12.23 -11.02
C GLU A 796 10.29 13.23 -10.14
N ALA A 797 9.58 14.22 -9.59
CA ALA A 797 10.21 15.14 -8.65
C ALA A 797 10.60 14.46 -7.35
N LYS A 798 9.94 13.36 -7.00
CA LYS A 798 10.26 12.62 -5.78
C LYS A 798 11.44 11.68 -5.94
N CYS A 799 11.88 11.43 -7.17
CA CYS A 799 13.04 10.59 -7.44
C CYS A 799 14.24 11.47 -7.77
N TRP A 800 15.38 10.82 -7.98
CA TRP A 800 16.60 11.55 -8.31
C TRP A 800 17.49 10.67 -9.18
N THR A 801 18.39 11.31 -9.90
CA THR A 801 19.36 10.62 -10.75
C THR A 801 20.69 11.35 -10.65
N GLU A 802 21.76 10.59 -10.45
CA GLU A 802 23.11 11.14 -10.34
C GLU A 802 23.95 10.61 -11.48
N THR A 803 24.62 11.51 -12.19
CA THR A 803 25.43 11.14 -13.35
C THR A 803 26.88 10.86 -12.96
N ASP A 804 27.45 11.66 -12.07
CA ASP A 804 28.84 11.51 -11.67
C ASP A 804 28.92 10.67 -10.39
N LEU A 805 29.73 9.61 -10.44
CA LEU A 805 29.90 8.74 -9.29
C LEU A 805 30.91 9.27 -8.28
N THR A 806 31.63 10.35 -8.60
CA THR A 806 32.53 10.94 -7.62
C THR A 806 31.77 11.40 -6.38
N LYS A 807 30.61 12.01 -6.59
CA LYS A 807 29.66 12.24 -5.51
C LYS A 807 28.67 11.07 -5.47
N GLY A 808 28.40 10.58 -4.27
CA GLY A 808 27.61 9.39 -4.10
C GLY A 808 26.14 9.62 -4.39
N PRO A 809 25.29 8.74 -3.85
CA PRO A 809 23.84 8.92 -4.02
C PRO A 809 23.39 10.23 -3.42
N HIS A 810 22.43 10.87 -4.08
CA HIS A 810 21.92 12.15 -3.59
C HIS A 810 21.16 11.98 -2.28
N GLU A 811 20.49 10.85 -2.08
CA GLU A 811 19.61 10.68 -0.94
C GLU A 811 19.51 9.20 -0.62
N PHE A 812 19.89 8.82 0.60
CA PHE A 812 19.74 7.44 1.03
C PHE A 812 19.66 7.43 2.56
N CYS A 813 18.55 6.92 3.09
CA CYS A 813 18.34 6.83 4.53
C CYS A 813 18.49 8.20 5.20
N SER A 814 17.96 9.23 4.53
CA SER A 814 18.02 10.60 5.01
C SER A 814 19.45 11.09 5.22
N GLN A 815 20.38 10.60 4.39
CA GLN A 815 21.78 10.98 4.48
C GLN A 815 22.29 11.38 3.11
N HIS A 816 23.07 12.46 3.07
CA HIS A 816 23.76 12.88 1.87
C HIS A 816 25.18 12.34 1.87
N THR A 817 25.82 12.37 0.70
CA THR A 817 27.14 11.79 0.52
C THR A 817 28.07 12.77 -0.17
N MET A 818 29.33 12.76 0.24
CA MET A 818 30.37 13.53 -0.42
C MET A 818 31.70 12.80 -0.27
N LEU A 819 32.62 13.10 -1.19
CA LEU A 819 33.94 12.49 -1.18
C LEU A 819 34.88 13.32 -0.32
N VAL A 820 35.44 12.70 0.72
CA VAL A 820 36.26 13.39 1.70
C VAL A 820 37.60 12.68 1.81
N LYS A 821 38.68 13.45 1.74
CA LYS A 821 40.01 12.89 1.95
C LYS A 821 40.20 12.52 3.42
N GLN A 822 40.76 11.33 3.66
CA GLN A 822 40.96 10.83 5.02
C GLN A 822 42.37 10.22 5.09
N GLY A 823 43.34 11.03 5.47
CA GLY A 823 44.71 10.57 5.62
C GLY A 823 45.47 10.53 4.31
N ASP A 824 45.18 9.53 3.47
CA ASP A 824 45.85 9.41 2.19
C ASP A 824 44.94 8.94 1.07
N ASP A 825 43.65 8.73 1.33
CA ASP A 825 42.74 8.25 0.31
C ASP A 825 41.37 8.90 0.50
N TYR A 826 40.58 8.87 -0.55
CA TYR A 826 39.26 9.52 -0.55
C TYR A 826 38.21 8.49 -0.16
N VAL A 827 37.33 8.88 0.77
CA VAL A 827 36.27 8.03 1.26
C VAL A 827 34.94 8.77 1.16
N TYR A 828 33.85 8.01 1.28
CA TYR A 828 32.51 8.56 1.27
C TYR A 828 32.00 8.66 2.69
N LEU A 829 31.55 9.86 3.07
CA LEU A 829 31.08 10.13 4.42
C LEU A 829 29.61 10.56 4.38
N PRO A 830 28.76 9.94 5.19
CA PRO A 830 27.34 10.36 5.20
C PRO A 830 27.09 11.52 6.15
N TYR A 831 26.41 12.55 5.68
CA TYR A 831 26.05 13.66 6.53
C TYR A 831 24.57 13.97 6.39
N PRO A 832 23.90 14.35 7.48
CA PRO A 832 22.47 14.64 7.39
C PRO A 832 22.20 16.10 7.05
N ASP A 833 20.93 16.48 6.97
CA ASP A 833 20.58 17.87 6.77
C ASP A 833 20.93 18.66 8.02
N PRO A 834 21.61 19.81 7.90
CA PRO A 834 21.93 20.61 9.09
C PRO A 834 20.70 21.05 9.85
N SER A 835 19.57 21.27 9.17
CA SER A 835 18.34 21.63 9.86
C SER A 835 17.86 20.49 10.75
N ARG A 836 18.00 19.25 10.28
CA ARG A 836 17.58 18.10 11.09
C ARG A 836 18.40 18.01 12.37
N ILE A 837 19.71 18.23 12.28
CA ILE A 837 20.56 18.18 13.46
C ILE A 837 20.22 19.33 14.41
N LEU A 838 20.05 20.53 13.88
CA LEU A 838 19.73 21.68 14.72
C LEU A 838 18.36 21.53 15.37
N GLY A 839 17.39 20.99 14.62
CA GLY A 839 16.05 20.82 15.18
C GLY A 839 16.03 19.87 16.36
N ALA A 840 16.81 18.80 16.29
CA ALA A 840 16.84 17.83 17.39
C ALA A 840 17.36 18.47 18.67
N GLY A 841 18.42 19.27 18.57
CA GLY A 841 18.94 19.94 19.75
C GLY A 841 18.00 20.99 20.30
N CYS A 842 17.35 21.74 19.41
CA CYS A 842 16.50 22.85 19.85
C CYS A 842 15.23 22.35 20.52
N PHE A 843 14.62 21.31 19.99
CA PHE A 843 13.32 20.82 20.45
C PHE A 843 13.45 19.41 20.98
N VAL A 844 12.87 19.16 22.16
CA VAL A 844 12.86 17.85 22.78
C VAL A 844 11.41 17.46 23.06
N ASP A 845 11.20 16.18 23.35
CA ASP A 845 9.87 15.65 23.58
C ASP A 845 9.57 15.38 25.06
N ASP A 846 10.44 15.84 25.95
CA ASP A 846 10.21 15.63 27.39
C ASP A 846 10.99 16.67 28.17
N ILE A 847 10.36 17.21 29.22
CA ILE A 847 11.03 18.16 30.08
C ILE A 847 12.12 17.51 30.92
N VAL A 848 12.01 16.19 31.15
CA VAL A 848 13.05 15.48 31.90
C VAL A 848 14.35 15.47 31.10
N LYS A 849 14.26 15.38 29.77
CA LYS A 849 15.43 15.38 28.92
C LYS A 849 16.15 16.72 28.91
N THR A 850 15.52 17.78 29.43
CA THR A 850 16.17 19.09 29.55
C THR A 850 17.22 19.10 30.66
N ASP A 851 17.25 18.08 31.51
CA ASP A 851 18.24 18.01 32.58
C ASP A 851 19.66 18.01 32.01
N GLY A 852 20.56 18.67 32.74
CA GLY A 852 21.92 18.85 32.23
C GLY A 852 22.67 17.54 32.06
N THR A 853 22.46 16.59 32.97
CA THR A 853 23.14 15.30 32.86
C THR A 853 22.70 14.54 31.62
N LEU A 854 21.42 14.64 31.28
CA LEU A 854 20.90 13.89 30.14
C LEU A 854 21.31 14.51 28.81
N MET A 855 21.39 15.85 28.73
CA MET A 855 21.70 16.49 27.46
C MET A 855 23.10 16.14 26.99
N ILE A 856 24.06 16.08 27.90
CA ILE A 856 25.45 15.88 27.50
C ILE A 856 25.62 14.51 26.84
N GLU A 857 24.90 13.50 27.33
CA GLU A 857 24.89 12.20 26.64
C GLU A 857 24.09 12.29 25.35
N ARG A 858 23.01 13.07 25.36
CA ARG A 858 22.20 13.25 24.17
C ARG A 858 22.95 14.02 23.09
N PHE A 859 23.72 15.04 23.49
CA PHE A 859 24.37 15.90 22.51
C PHE A 859 25.57 15.22 21.86
N VAL A 860 26.20 14.27 22.56
CA VAL A 860 27.33 13.55 21.98
C VAL A 860 26.87 12.76 20.76
N SER A 861 25.73 12.08 20.86
CA SER A 861 25.22 11.31 19.74
C SER A 861 24.89 12.22 18.56
N LEU A 862 24.30 13.38 18.83
CA LEU A 862 24.00 14.33 17.76
C LEU A 862 25.27 14.85 17.13
N ALA A 863 26.30 15.11 17.94
CA ALA A 863 27.57 15.57 17.41
C ALA A 863 28.23 14.53 16.53
N ILE A 864 28.08 13.25 16.88
CA ILE A 864 28.63 12.17 16.05
C ILE A 864 27.99 12.20 14.67
N ASP A 865 26.67 12.36 14.62
CA ASP A 865 25.98 12.42 13.33
C ASP A 865 26.35 13.69 12.56
N ALA A 866 26.59 14.79 13.28
CA ALA A 866 26.87 16.07 12.64
C ALA A 866 28.34 16.29 12.36
N TYR A 867 29.21 15.36 12.74
CA TYR A 867 30.65 15.56 12.52
C TYR A 867 31.02 15.70 11.05
N PRO A 868 30.52 14.89 10.11
CA PRO A 868 30.96 15.03 8.72
C PRO A 868 30.65 16.38 8.12
N LEU A 869 29.74 17.16 8.70
CA LEU A 869 29.43 18.49 8.18
C LEU A 869 30.65 19.39 8.17
N THR A 870 31.66 19.12 8.99
CA THR A 870 32.87 19.94 8.98
C THR A 870 33.61 19.85 7.65
N LYS A 871 33.45 18.74 6.94
CA LYS A 871 34.09 18.59 5.63
C LYS A 871 33.29 19.20 4.49
N HIS A 872 32.07 19.66 4.77
CA HIS A 872 31.27 20.29 3.73
C HIS A 872 31.92 21.61 3.29
N PRO A 873 31.92 21.91 1.99
CA PRO A 873 32.50 23.19 1.54
C PRO A 873 31.81 24.41 2.13
N ASN A 874 30.51 24.34 2.37
CA ASN A 874 29.80 25.47 2.96
C ASN A 874 30.25 25.68 4.40
N GLN A 875 30.62 26.92 4.73
CA GLN A 875 31.09 27.22 6.07
C GLN A 875 29.96 27.17 7.09
N GLU A 876 28.75 27.56 6.69
CA GLU A 876 27.62 27.53 7.60
C GLU A 876 27.30 26.10 8.04
N TYR A 877 27.40 25.15 7.11
CA TYR A 877 27.17 23.74 7.44
C TYR A 877 28.20 23.24 8.44
N ALA A 878 29.47 23.62 8.25
CA ALA A 878 30.54 23.13 9.10
C ALA A 878 30.40 23.63 10.54
N ASP A 879 29.89 24.84 10.72
CA ASP A 879 29.76 25.42 12.06
C ASP A 879 28.72 24.71 12.91
N VAL A 880 27.88 23.86 12.32
CA VAL A 880 26.86 23.15 13.09
C VAL A 880 27.52 22.21 14.09
N PHE A 881 28.53 21.46 13.65
CA PHE A 881 29.24 20.57 14.56
C PHE A 881 30.05 21.35 15.59
N HIS A 882 30.65 22.47 15.18
CA HIS A 882 31.40 23.29 16.12
C HIS A 882 30.49 23.86 17.20
N LEU A 883 29.28 24.27 16.83
CA LEU A 883 28.32 24.75 17.82
C LEU A 883 27.98 23.65 18.81
N TYR A 884 27.77 22.42 18.33
CA TYR A 884 27.49 21.32 19.23
C TYR A 884 28.68 21.01 20.13
N LEU A 885 29.90 21.11 19.59
CA LEU A 885 31.09 20.93 20.41
C LEU A 885 31.17 22.00 21.49
N GLN A 886 30.97 23.25 21.11
CA GLN A 886 31.07 24.35 22.07
C GLN A 886 30.00 24.25 23.15
N TYR A 887 28.80 23.81 22.78
CA TYR A 887 27.76 23.60 23.78
C TYR A 887 28.15 22.53 24.79
N ILE A 888 28.96 21.56 24.38
CA ILE A 888 29.44 20.55 25.30
C ILE A 888 30.32 21.17 26.39
N ARG A 889 31.12 22.17 26.03
CA ARG A 889 31.93 22.86 27.04
C ARG A 889 31.06 23.51 28.11
N LYS A 890 29.98 24.18 27.69
CA LYS A 890 29.13 24.87 28.66
C LYS A 890 28.45 23.90 29.60
N LEU A 891 28.01 22.74 29.09
CA LEU A 891 27.38 21.74 29.95
C LEU A 891 28.36 21.22 30.99
N HIS A 892 29.61 20.96 30.57
CA HIS A 892 30.63 20.53 31.53
C HIS A 892 31.09 21.68 32.41
N ASP A 893 31.00 22.92 31.92
CA ASP A 893 31.41 24.06 32.72
C ASP A 893 30.52 24.21 33.96
N GLU A 894 29.22 24.04 33.80
CA GLU A 894 28.28 24.16 34.91
C GLU A 894 28.09 22.86 35.67
N LEU A 895 28.73 21.78 35.24
CA LEU A 895 28.66 20.51 35.96
C LEU A 895 30.03 20.11 36.48
N ASN A 911 39.49 11.00 29.97
CA ASN A 911 38.34 10.41 29.30
C ASN A 911 37.16 11.38 29.27
N THR A 912 37.04 12.18 30.32
CA THR A 912 35.97 13.17 30.36
C THR A 912 36.15 14.25 29.30
N SER A 913 37.40 14.69 29.09
CA SER A 913 37.70 15.73 28.11
C SER A 913 37.55 15.26 26.67
N ARG A 914 37.37 13.95 26.46
CA ARG A 914 37.34 13.38 25.11
C ARG A 914 36.17 13.86 24.28
N TYR A 915 35.16 14.49 24.89
CA TYR A 915 34.00 14.94 24.12
C TYR A 915 34.36 16.05 23.15
N TRP A 916 35.24 16.98 23.54
CA TRP A 916 35.84 17.89 22.59
C TRP A 916 37.13 17.26 22.06
N GLU A 917 38.03 18.05 21.47
CA GLU A 917 39.16 17.60 20.65
C GLU A 917 38.60 16.62 19.62
N PRO A 918 37.96 17.13 18.57
CA PRO A 918 37.05 16.32 17.74
C PRO A 918 37.66 15.09 17.08
N GLU A 919 38.94 14.78 17.33
CA GLU A 919 39.50 13.54 16.80
C GLU A 919 38.80 12.31 17.36
N PHE A 920 38.07 12.46 18.47
CA PHE A 920 37.22 11.37 18.95
C PHE A 920 36.14 11.04 17.93
N TYR A 921 35.54 12.06 17.32
CA TYR A 921 34.57 11.85 16.26
C TYR A 921 35.22 11.45 14.95
N GLU A 922 36.50 11.77 14.76
CA GLU A 922 37.22 11.27 13.59
C GLU A 922 37.29 9.75 13.60
N ALA A 923 37.53 9.17 14.77
CA ALA A 923 37.64 7.71 14.88
C ALA A 923 36.34 7.00 14.55
N MET A 924 35.20 7.70 14.62
CA MET A 924 33.92 7.08 14.31
C MET A 924 33.73 6.84 12.82
N TYR A 925 34.56 7.46 11.96
CA TYR A 925 34.43 7.30 10.53
C TYR A 925 35.70 6.79 9.85
N THR A 926 36.75 6.50 10.62
CA THR A 926 37.96 5.96 10.02
C THR A 926 37.72 4.51 9.59
N PRO A 927 38.32 4.07 8.48
CA PRO A 927 38.06 2.71 7.98
C PRO A 927 38.32 1.62 9.01
N HIS A 928 39.36 1.76 9.83
CA HIS A 928 39.64 0.77 10.85
C HIS A 928 38.71 0.96 12.04
N THR A 929 38.26 -0.16 12.62
CA THR A 929 37.37 -0.12 13.76
C THR A 929 38.15 0.07 15.07
N ASP B 78 3.96 -14.96 42.83
CA ASP B 78 4.45 -15.31 41.49
C ASP B 78 3.54 -14.73 40.42
N LYS B 79 4.15 -14.22 39.34
CA LYS B 79 3.40 -13.61 38.25
C LYS B 79 2.60 -14.63 37.46
N ARG B 80 2.82 -15.93 37.68
CA ARG B 80 2.07 -16.95 36.96
C ARG B 80 0.59 -16.87 37.25
N ALA B 81 0.21 -16.58 38.50
CA ALA B 81 -1.18 -16.63 38.93
C ALA B 81 -1.90 -15.29 38.76
N LYS B 82 -1.22 -14.17 39.00
CA LYS B 82 -1.89 -12.88 38.93
C LYS B 82 -2.41 -12.59 37.53
N VAL B 83 -1.60 -12.87 36.50
CA VAL B 83 -2.06 -12.66 35.13
C VAL B 83 -3.15 -13.67 34.77
N THR B 84 -3.04 -14.90 35.29
CA THR B 84 -4.05 -15.91 34.99
C THR B 84 -5.41 -15.51 35.57
N SER B 85 -5.42 -15.03 36.82
CA SER B 85 -6.67 -14.60 37.44
C SER B 85 -7.26 -13.39 36.74
N ALA B 86 -6.42 -12.39 36.43
CA ALA B 86 -6.92 -11.18 35.79
C ALA B 86 -7.45 -11.47 34.40
N MET B 87 -6.76 -12.31 33.64
CA MET B 87 -7.19 -12.63 32.28
C MET B 87 -8.41 -13.55 32.28
N GLN B 88 -8.51 -14.46 33.24
CA GLN B 88 -9.70 -15.30 33.36
C GLN B 88 -10.91 -14.47 33.77
N THR B 89 -10.71 -13.46 34.61
CA THR B 89 -11.80 -12.58 35.00
C THR B 89 -12.32 -11.80 33.81
N MET B 90 -11.42 -11.35 32.92
CA MET B 90 -11.84 -10.57 31.76
C MET B 90 -12.76 -11.36 30.85
N LEU B 91 -12.51 -12.67 30.71
CA LEU B 91 -13.37 -13.50 29.88
C LEU B 91 -14.79 -13.57 30.44
N PHE B 92 -14.91 -13.74 31.75
CA PHE B 92 -16.22 -13.92 32.38
C PHE B 92 -16.94 -12.60 32.60
N THR B 93 -16.25 -11.47 32.63
CA THR B 93 -16.87 -10.21 33.02
C THR B 93 -17.62 -9.53 31.89
N MET B 94 -17.59 -10.09 30.68
CA MET B 94 -18.28 -9.52 29.52
C MET B 94 -19.16 -10.57 28.86
N LEU B 95 -19.94 -11.27 29.69
CA LEU B 95 -21.00 -12.15 29.21
C LEU B 95 -22.36 -11.48 29.24
N ARG B 96 -22.41 -10.17 29.48
CA ARG B 96 -23.69 -9.46 29.54
C ARG B 96 -24.41 -9.50 28.20
N LYS B 97 -23.68 -9.30 27.11
CA LYS B 97 -24.28 -9.25 25.78
C LYS B 97 -24.06 -10.53 24.98
N LEU B 98 -23.42 -11.54 25.57
CA LEU B 98 -23.17 -12.80 24.90
C LEU B 98 -23.96 -13.92 25.59
N ASP B 99 -24.31 -14.93 24.80
CA ASP B 99 -25.18 -16.02 25.25
C ASP B 99 -26.54 -15.50 25.69
N ASN B 100 -27.01 -14.46 25.01
CA ASN B 100 -28.33 -13.90 25.23
C ASN B 100 -29.29 -14.49 24.21
N ASP B 101 -30.56 -14.05 24.26
CA ASP B 101 -31.59 -14.63 23.40
C ASP B 101 -31.28 -14.38 21.93
N ALA B 102 -30.78 -13.20 21.60
CA ALA B 102 -30.50 -12.87 20.20
C ALA B 102 -29.40 -13.75 19.62
N LEU B 103 -28.35 -14.01 20.41
CA LEU B 103 -27.21 -14.74 19.89
C LEU B 103 -27.55 -16.20 19.64
N ASN B 104 -28.43 -16.79 20.46
CA ASN B 104 -28.81 -18.19 20.25
C ASN B 104 -29.48 -18.38 18.90
N ASN B 105 -30.38 -17.47 18.53
CA ASN B 105 -31.11 -17.61 17.27
C ASN B 105 -30.17 -17.58 16.07
N ILE B 106 -29.15 -16.73 16.12
CA ILE B 106 -28.23 -16.59 14.99
C ILE B 106 -27.49 -17.89 14.73
N ILE B 107 -27.02 -18.55 15.81
CA ILE B 107 -26.23 -19.76 15.65
C ILE B 107 -27.06 -20.89 15.05
N ASN B 108 -28.31 -21.04 15.52
CA ASN B 108 -29.12 -22.17 15.06
C ASN B 108 -29.42 -22.10 13.57
N ASN B 109 -29.68 -20.90 13.05
CA ASN B 109 -30.00 -20.78 11.63
C ASN B 109 -28.84 -21.22 10.75
N ALA B 110 -27.61 -21.11 11.23
CA ALA B 110 -26.47 -21.59 10.47
C ALA B 110 -26.51 -23.12 10.35
N ARG B 111 -26.12 -23.62 9.19
CA ARG B 111 -26.19 -25.06 8.95
C ARG B 111 -25.14 -25.85 9.73
N ASP B 112 -24.17 -25.17 10.35
CA ASP B 112 -23.17 -25.87 11.16
C ASP B 112 -22.91 -25.14 12.47
N GLY B 113 -23.51 -23.98 12.69
CA GLY B 113 -23.23 -23.20 13.87
C GLY B 113 -22.01 -22.32 13.78
N CYS B 114 -21.39 -22.24 12.61
CA CYS B 114 -20.24 -21.37 12.38
C CYS B 114 -20.71 -20.15 11.59
N VAL B 115 -20.53 -18.97 12.17
CA VAL B 115 -20.98 -17.72 11.54
C VAL B 115 -19.83 -16.73 11.51
N PRO B 116 -19.82 -15.78 10.56
CA PRO B 116 -18.78 -14.75 10.56
C PRO B 116 -18.87 -13.87 11.79
N LEU B 117 -17.73 -13.37 12.24
CA LEU B 117 -17.70 -12.51 13.41
C LEU B 117 -18.29 -11.13 13.12
N ASN B 118 -18.12 -10.63 11.89
CA ASN B 118 -18.54 -9.27 11.56
C ASN B 118 -20.04 -9.07 11.62
N ILE B 119 -20.83 -10.14 11.67
CA ILE B 119 -22.29 -10.00 11.69
C ILE B 119 -22.88 -10.12 13.08
N ILE B 120 -22.12 -10.62 14.06
CA ILE B 120 -22.67 -10.75 15.42
C ILE B 120 -23.05 -9.39 16.02
N PRO B 121 -22.19 -8.37 16.01
CA PRO B 121 -22.63 -7.07 16.51
C PRO B 121 -23.74 -6.45 15.67
N LEU B 122 -23.87 -6.84 14.42
CA LEU B 122 -24.86 -6.24 13.54
C LEU B 122 -26.27 -6.75 13.85
N THR B 123 -26.41 -7.96 14.38
CA THR B 123 -27.71 -8.54 14.64
C THR B 123 -27.97 -8.87 16.10
N THR B 124 -26.98 -8.73 16.98
CA THR B 124 -27.16 -9.06 18.39
C THR B 124 -27.03 -7.86 19.32
N ALA B 125 -26.16 -6.90 19.00
CA ALA B 125 -25.98 -5.76 19.88
C ALA B 125 -27.27 -4.95 20.00
N ALA B 126 -27.61 -4.58 21.23
CA ALA B 126 -28.81 -3.80 21.50
C ALA B 126 -28.55 -2.30 21.51
N LYS B 127 -27.29 -1.88 21.38
CA LYS B 127 -26.93 -0.47 21.37
C LYS B 127 -26.05 -0.17 20.18
N LEU B 128 -26.28 0.97 19.55
CA LEU B 128 -25.54 1.40 18.38
C LEU B 128 -24.93 2.78 18.62
N MET B 129 -23.68 2.95 18.22
CA MET B 129 -22.98 4.23 18.33
C MET B 129 -22.69 4.75 16.93
N VAL B 130 -23.12 5.98 16.66
CA VAL B 130 -22.94 6.63 15.37
C VAL B 130 -22.05 7.85 15.58
N VAL B 131 -20.96 7.92 14.84
CA VAL B 131 -20.03 9.05 14.90
C VAL B 131 -20.27 9.90 13.66
N ILE B 132 -20.76 11.12 13.86
CA ILE B 132 -21.17 12.01 12.78
C ILE B 132 -20.16 13.14 12.69
N PRO B 133 -19.42 13.28 11.59
CA PRO B 133 -18.37 14.31 11.52
C PRO B 133 -18.89 15.71 11.23
N ASP B 134 -19.98 15.83 10.49
CA ASP B 134 -20.49 17.14 10.10
C ASP B 134 -22.00 17.06 9.96
N TYR B 135 -22.63 18.25 9.91
CA TYR B 135 -24.09 18.31 9.86
C TYR B 135 -24.65 17.71 8.57
N ASN B 136 -23.87 17.74 7.48
CA ASN B 136 -24.36 17.18 6.23
C ASN B 136 -24.61 15.70 6.35
N THR B 137 -23.72 14.97 7.01
CA THR B 137 -23.91 13.53 7.20
C THR B 137 -24.98 13.21 8.23
N TYR B 138 -25.22 14.13 9.18
CA TYR B 138 -26.24 13.87 10.20
C TYR B 138 -27.63 13.77 9.57
N LYS B 139 -27.94 14.64 8.60
CA LYS B 139 -29.25 14.60 7.97
C LYS B 139 -29.45 13.32 7.17
N ASN B 140 -28.41 12.83 6.51
CA ASN B 140 -28.52 11.65 5.67
C ASN B 140 -28.42 10.35 6.44
N THR B 141 -28.09 10.39 7.73
CA THR B 141 -27.91 9.18 8.52
C THR B 141 -28.86 9.08 9.69
N CYS B 142 -28.97 10.13 10.50
CA CYS B 142 -29.73 10.08 11.74
C CYS B 142 -30.72 11.25 11.82
N ASP B 143 -31.44 11.49 10.73
CA ASP B 143 -32.45 12.52 10.73
C ASP B 143 -33.66 12.07 11.54
N GLY B 144 -34.25 13.01 12.29
CA GLY B 144 -35.40 12.72 13.10
C GLY B 144 -35.02 12.03 14.40
N THR B 145 -36.06 11.69 15.17
CA THR B 145 -35.85 11.03 16.46
C THR B 145 -35.53 9.56 16.30
N THR B 146 -35.84 8.95 15.15
CA THR B 146 -35.56 7.54 14.92
C THR B 146 -35.07 7.35 13.49
N PHE B 147 -34.32 6.26 13.29
CA PHE B 147 -33.76 5.97 11.98
C PHE B 147 -33.52 4.47 11.88
N THR B 148 -33.35 4.00 10.66
CA THR B 148 -33.16 2.57 10.38
C THR B 148 -31.73 2.32 9.91
N TYR B 149 -31.16 1.21 10.36
CA TYR B 149 -29.81 0.82 9.97
C TYR B 149 -29.66 -0.68 10.20
N ALA B 150 -28.93 -1.34 9.30
CA ALA B 150 -28.68 -2.78 9.39
C ALA B 150 -29.98 -3.58 9.45
N SER B 151 -30.97 -3.15 8.65
CA SER B 151 -32.28 -3.80 8.58
C SER B 151 -32.94 -3.87 9.94
N ALA B 152 -32.83 -2.79 10.71
CA ALA B 152 -33.43 -2.72 12.03
C ALA B 152 -33.80 -1.28 12.32
N LEU B 153 -34.70 -1.10 13.28
CA LEU B 153 -35.17 0.22 13.70
C LEU B 153 -34.46 0.63 14.98
N TRP B 154 -33.91 1.83 14.99
CA TRP B 154 -33.16 2.34 16.13
C TRP B 154 -33.81 3.61 16.68
N GLU B 155 -33.85 3.71 18.00
CA GLU B 155 -34.42 4.86 18.69
C GLU B 155 -33.28 5.66 19.32
N ILE B 156 -33.14 6.92 18.93
CA ILE B 156 -32.06 7.75 19.43
C ILE B 156 -32.31 8.08 20.90
N GLN B 157 -31.30 7.84 21.73
CA GLN B 157 -31.40 8.06 23.16
C GLN B 157 -30.72 9.36 23.60
N GLN B 158 -29.48 9.58 23.19
CA GLN B 158 -28.76 10.79 23.56
C GLN B 158 -27.69 11.08 22.52
N VAL B 159 -27.26 12.34 22.47
CA VAL B 159 -26.23 12.80 21.56
C VAL B 159 -25.20 13.59 22.37
N VAL B 160 -23.93 13.31 22.13
CA VAL B 160 -22.84 14.02 22.79
C VAL B 160 -21.88 14.54 21.73
N ASP B 161 -21.08 15.54 22.11
CA ASP B 161 -20.11 16.15 21.23
C ASP B 161 -18.72 15.56 21.50
N ALA B 162 -17.71 16.15 20.87
CA ALA B 162 -16.33 15.66 21.03
C ALA B 162 -15.82 15.84 22.46
N ASP B 163 -16.48 16.65 23.27
CA ASP B 163 -16.09 16.87 24.67
C ASP B 163 -16.88 16.00 25.64
N SER B 164 -17.65 15.03 25.14
CA SER B 164 -18.45 14.14 25.97
C SER B 164 -19.42 14.92 26.86
N LYS B 165 -20.08 15.90 26.26
CA LYS B 165 -21.08 16.71 26.95
C LYS B 165 -22.45 16.43 26.34
N ILE B 166 -23.47 16.40 27.19
CA ILE B 166 -24.82 16.08 26.73
C ILE B 166 -25.31 17.18 25.80
N VAL B 167 -25.79 16.79 24.62
CA VAL B 167 -26.28 17.71 23.61
C VAL B 167 -27.75 17.41 23.35
N GLN B 168 -28.59 18.43 23.40
CA GLN B 168 -30.01 18.25 23.14
C GLN B 168 -30.26 18.07 21.65
N LEU B 169 -31.34 17.35 21.34
CA LEU B 169 -31.65 17.03 19.94
C LEU B 169 -31.96 18.29 19.15
N SER B 170 -32.69 19.24 19.74
CA SER B 170 -33.06 20.44 19.02
C SER B 170 -31.88 21.34 18.69
N GLU B 171 -30.74 21.14 19.36
CA GLU B 171 -29.58 21.99 19.14
C GLU B 171 -28.92 21.73 17.79
N ILE B 172 -29.17 20.58 17.18
CA ILE B 172 -28.54 20.25 15.90
C ILE B 172 -29.32 20.95 14.78
N SER B 173 -28.67 21.90 14.13
CA SER B 173 -29.25 22.62 13.00
C SER B 173 -28.13 23.21 12.18
N MET B 174 -28.47 23.64 10.96
CA MET B 174 -27.46 24.19 10.06
C MET B 174 -26.87 25.48 10.63
N ASP B 175 -27.73 26.36 11.17
CA ASP B 175 -27.23 27.61 11.73
C ASP B 175 -26.40 27.38 12.98
N ASN B 176 -26.82 26.43 13.83
CA ASN B 176 -26.10 26.12 15.06
C ASN B 176 -24.94 25.16 14.85
N SER B 177 -24.72 24.70 13.62
CA SER B 177 -23.62 23.76 13.35
C SER B 177 -22.25 24.31 13.73
N PRO B 178 -21.87 25.54 13.38
CA PRO B 178 -20.54 26.03 13.79
C PRO B 178 -20.36 26.11 15.30
N ASN B 179 -21.43 26.22 16.07
CA ASN B 179 -21.32 26.29 17.52
C ASN B 179 -21.21 24.92 18.17
N LEU B 180 -21.38 23.84 17.41
CA LEU B 180 -21.31 22.49 17.94
C LEU B 180 -19.89 21.95 17.87
N ALA B 181 -19.50 21.20 18.90
CA ALA B 181 -18.16 20.61 18.98
C ALA B 181 -18.17 19.28 18.23
N TRP B 182 -18.07 19.37 16.91
CA TRP B 182 -18.05 18.18 16.09
C TRP B 182 -16.76 17.40 16.30
N PRO B 183 -16.78 16.06 16.14
CA PRO B 183 -17.91 15.23 15.71
C PRO B 183 -18.94 14.97 16.82
N LEU B 184 -20.13 14.54 16.42
CA LEU B 184 -21.20 14.19 17.34
C LEU B 184 -21.36 12.68 17.41
N ILE B 185 -21.50 12.16 18.62
CA ILE B 185 -21.67 10.73 18.86
C ILE B 185 -23.13 10.49 19.24
N VAL B 186 -23.81 9.64 18.47
CA VAL B 186 -25.22 9.35 18.66
C VAL B 186 -25.38 7.93 19.17
N THR B 187 -26.10 7.78 20.27
CA THR B 187 -26.36 6.48 20.88
C THR B 187 -27.82 6.11 20.65
N ALA B 188 -28.05 4.90 20.15
CA ALA B 188 -29.40 4.43 19.85
C ALA B 188 -29.59 3.03 20.39
N LEU B 189 -30.85 2.67 20.62
CA LEU B 189 -31.22 1.36 21.11
C LEU B 189 -32.13 0.66 20.10
N ARG B 190 -32.00 -0.66 20.02
CA ARG B 190 -32.81 -1.44 19.10
C ARG B 190 -34.28 -1.40 19.50
N ALA B 191 -35.15 -1.28 18.51
CA ALA B 191 -36.59 -1.23 18.76
C ALA B 191 -37.12 -2.61 19.15
N LYS C 2 15.27 36.67 13.56
CA LYS C 2 13.97 37.22 13.89
C LYS C 2 12.86 36.30 13.40
N MET C 3 13.00 35.80 12.18
CA MET C 3 12.05 34.82 11.66
C MET C 3 12.08 33.54 12.48
N SER C 4 13.26 33.12 12.92
CA SER C 4 13.36 31.93 13.75
C SER C 4 12.68 32.13 15.11
N ASP C 5 12.62 33.38 15.59
CA ASP C 5 12.08 33.62 16.93
C ASP C 5 10.58 33.40 17.01
N VAL C 6 9.83 33.77 15.96
CA VAL C 6 8.38 33.61 16.01
C VAL C 6 8.00 32.13 16.07
N LYS C 7 8.66 31.30 15.26
CA LYS C 7 8.48 29.86 15.38
C LYS C 7 9.00 29.35 16.71
N CYS C 8 10.09 29.94 17.20
CA CYS C 8 10.60 29.61 18.52
C CYS C 8 9.57 29.91 19.60
N THR C 9 8.97 31.10 19.54
CA THR C 9 8.01 31.51 20.56
C THR C 9 6.66 30.81 20.37
N SER C 10 6.33 30.42 19.14
CA SER C 10 5.06 29.75 18.91
C SER C 10 5.00 28.39 19.59
N VAL C 11 6.12 27.64 19.55
CA VAL C 11 6.13 26.30 20.12
C VAL C 11 5.91 26.35 21.63
N VAL C 12 6.62 27.24 22.31
CA VAL C 12 6.44 27.37 23.76
C VAL C 12 5.08 27.97 24.09
N LEU C 13 4.55 28.83 23.23
CA LEU C 13 3.25 29.44 23.50
C LEU C 13 2.14 28.42 23.46
N LEU C 14 2.21 27.47 22.51
CA LEU C 14 1.23 26.38 22.52
C LEU C 14 1.50 25.39 23.64
N SER C 15 2.76 25.25 24.05
CA SER C 15 3.11 24.31 25.11
C SER C 15 2.47 24.70 26.44
N VAL C 16 2.47 25.99 26.76
CA VAL C 16 1.93 26.43 28.05
C VAL C 16 0.42 26.22 28.12
N LEU C 17 -0.26 26.18 26.96
CA LEU C 17 -1.69 25.93 26.96
C LEU C 17 -2.04 24.46 27.18
N GLN C 18 -1.07 23.55 27.01
CA GLN C 18 -1.36 22.12 27.11
C GLN C 18 -1.79 21.74 28.52
N GLN C 19 -1.08 22.24 29.54
CA GLN C 19 -1.42 21.93 30.92
C GLN C 19 -2.40 22.92 31.52
N LEU C 20 -2.87 23.89 30.74
CA LEU C 20 -3.91 24.81 31.16
C LEU C 20 -5.30 24.28 30.85
N ARG C 21 -5.42 22.98 30.54
CA ARG C 21 -6.69 22.34 30.21
C ARG C 21 -7.34 22.99 28.99
N VAL C 22 -6.54 23.50 28.06
CA VAL C 22 -7.08 24.04 26.82
C VAL C 22 -7.63 22.94 25.94
N GLU C 23 -6.93 21.80 25.88
CA GLU C 23 -7.38 20.67 25.07
C GLU C 23 -8.68 20.06 25.58
N SER C 24 -9.11 20.40 26.79
CA SER C 24 -10.39 19.91 27.30
C SER C 24 -11.56 20.41 26.45
N SER C 25 -11.39 21.54 25.77
CA SER C 25 -12.40 22.07 24.86
C SER C 25 -11.92 21.83 23.43
N SER C 26 -12.73 21.12 22.64
CA SER C 26 -12.32 20.78 21.28
C SER C 26 -12.22 22.01 20.39
N LYS C 27 -13.11 22.99 20.61
CA LYS C 27 -13.10 24.19 19.77
C LYS C 27 -11.80 24.97 19.90
N LEU C 28 -11.33 25.15 21.14
CA LEU C 28 -10.14 25.97 21.35
C LEU C 28 -8.88 25.26 20.84
N TRP C 29 -8.75 23.97 21.13
CA TRP C 29 -7.53 23.26 20.76
C TRP C 29 -7.42 23.08 19.25
N ALA C 30 -8.55 22.91 18.56
CA ALA C 30 -8.51 22.69 17.12
C ALA C 30 -7.95 23.91 16.39
N GLN C 31 -8.42 25.11 16.77
CA GLN C 31 -7.91 26.32 16.12
C GLN C 31 -6.52 26.71 16.62
N CYS C 32 -6.22 26.43 17.89
CA CYS C 32 -4.88 26.72 18.41
C CYS C 32 -3.83 25.87 17.70
N VAL C 33 -4.13 24.60 17.46
CA VAL C 33 -3.19 23.73 16.74
C VAL C 33 -2.97 24.24 15.32
N GLN C 34 -4.05 24.65 14.65
CA GLN C 34 -3.94 25.14 13.28
C GLN C 34 -3.07 26.38 13.21
N LEU C 35 -3.24 27.31 14.16
CA LEU C 35 -2.44 28.52 14.17
C LEU C 35 -0.96 28.19 14.41
N HIS C 36 -0.69 27.32 15.38
CA HIS C 36 0.70 27.01 15.73
C HIS C 36 1.42 26.33 14.57
N ASN C 37 0.75 25.41 13.88
CA ASN C 37 1.40 24.69 12.79
C ASN C 37 1.67 25.60 11.60
N ASP C 38 0.81 26.59 11.36
CA ASP C 38 1.00 27.48 10.21
C ASP C 38 2.24 28.34 10.38
N ILE C 39 2.55 28.76 11.61
CA ILE C 39 3.75 29.56 11.84
C ILE C 39 5.00 28.76 11.51
N LEU C 40 5.03 27.49 11.91
CA LEU C 40 6.20 26.65 11.64
C LEU C 40 6.40 26.45 10.14
N LEU C 41 5.32 26.28 9.39
CA LEU C 41 5.39 26.09 7.95
C LEU C 41 5.43 27.41 7.18
N ALA C 42 5.35 28.55 7.87
CA ALA C 42 5.36 29.83 7.20
C ALA C 42 6.73 30.12 6.59
N LYS C 43 6.71 30.78 5.44
CA LYS C 43 7.92 31.17 4.74
C LYS C 43 8.13 32.67 4.62
N ASP C 44 7.06 33.46 4.69
CA ASP C 44 7.13 34.90 4.53
C ASP C 44 6.78 35.58 5.85
N THR C 45 7.48 36.68 6.14
CA THR C 45 7.32 37.36 7.43
C THR C 45 6.02 38.15 7.53
N THR C 46 5.31 38.37 6.43
CA THR C 46 4.08 39.15 6.49
C THR C 46 3.02 38.43 7.32
N GLU C 47 2.80 37.14 7.02
CA GLU C 47 1.75 36.38 7.68
C GLU C 47 2.21 35.67 8.95
N ALA C 48 3.52 35.64 9.22
CA ALA C 48 4.01 34.95 10.40
C ALA C 48 3.53 35.62 11.68
N PHE C 49 3.46 36.95 11.69
CA PHE C 49 3.04 37.66 12.89
C PHE C 49 1.55 37.48 13.16
N GLU C 50 0.73 37.48 12.11
CA GLU C 50 -0.71 37.58 12.31
C GLU C 50 -1.29 36.32 12.96
N LYS C 51 -0.63 35.17 12.78
CA LYS C 51 -0.93 34.05 13.65
C LYS C 51 -0.32 34.20 15.04
N MET C 52 0.83 34.87 15.14
CA MET C 52 1.49 34.99 16.44
C MET C 52 0.64 35.82 17.41
N VAL C 53 0.13 36.96 16.94
CA VAL C 53 -0.71 37.80 17.80
C VAL C 53 -2.05 37.13 18.06
N SER C 54 -2.60 36.46 17.05
CA SER C 54 -3.90 35.79 17.21
C SER C 54 -3.80 34.67 18.23
N LEU C 55 -2.73 33.88 18.19
CA LEU C 55 -2.61 32.73 19.10
C LEU C 55 -2.37 33.18 20.53
N LEU C 56 -1.62 34.27 20.73
CA LEU C 56 -1.39 34.78 22.07
C LEU C 56 -2.67 35.37 22.67
N SER C 57 -3.53 35.94 21.83
CA SER C 57 -4.79 36.50 22.33
C SER C 57 -5.68 35.43 22.94
N VAL C 58 -5.53 34.18 22.49
CA VAL C 58 -6.30 33.08 23.08
C VAL C 58 -5.89 32.87 24.53
N LEU C 59 -4.59 32.99 24.83
CA LEU C 59 -4.13 32.86 26.20
C LEU C 59 -4.70 33.96 27.08
N LEU C 60 -4.73 35.19 26.58
CA LEU C 60 -5.26 36.32 27.34
C LEU C 60 -6.78 36.33 27.39
N SER C 61 -7.45 35.50 26.58
CA SER C 61 -8.90 35.47 26.59
C SER C 61 -9.44 35.03 27.95
N MET C 62 -8.83 34.01 28.55
CA MET C 62 -9.23 33.51 29.85
C MET C 62 -8.13 33.93 30.83
N GLN C 63 -8.42 34.96 31.63
CA GLN C 63 -7.40 35.55 32.50
C GLN C 63 -6.98 34.60 33.61
N GLY C 64 -7.92 33.80 34.11
CA GLY C 64 -7.68 32.88 35.21
C GLY C 64 -6.41 32.03 35.10
N ALA C 65 -5.94 31.80 33.87
CA ALA C 65 -4.75 30.98 33.67
C ALA C 65 -3.52 31.63 34.29
N VAL C 66 -3.18 32.84 33.84
CA VAL C 66 -1.95 33.52 34.24
C VAL C 66 -2.31 34.86 34.87
N ASP C 67 -1.65 35.18 35.98
CA ASP C 67 -1.80 36.46 36.64
C ASP C 67 -0.83 37.45 36.00
N ILE C 68 -1.36 38.37 35.20
CA ILE C 68 -0.53 39.34 34.51
C ILE C 68 0.02 40.37 35.49
N THR D 84 4.78 25.05 37.08
CA THR D 84 4.29 25.73 35.89
C THR D 84 4.66 27.21 35.90
N SER D 85 5.10 27.69 37.07
CA SER D 85 5.49 29.09 37.20
C SER D 85 6.71 29.41 36.35
N ALA D 86 7.69 28.50 36.31
CA ALA D 86 8.90 28.73 35.53
C ALA D 86 8.59 28.85 34.04
N MET D 87 7.72 27.98 33.53
CA MET D 87 7.39 28.00 32.10
C MET D 87 6.65 29.28 31.73
N GLN D 88 5.76 29.76 32.60
CA GLN D 88 4.99 30.96 32.29
C GLN D 88 5.88 32.21 32.29
N THR D 89 6.81 32.31 33.23
CA THR D 89 7.61 33.52 33.34
C THR D 89 8.65 33.61 32.23
N MET D 90 9.14 32.47 31.73
CA MET D 90 10.12 32.50 30.64
C MET D 90 9.46 32.82 29.30
N LEU D 91 8.21 32.40 29.12
CA LEU D 91 7.50 32.71 27.88
C LEU D 91 7.27 34.20 27.72
N PHE D 92 6.92 34.89 28.82
CA PHE D 92 6.71 36.33 28.75
C PHE D 92 7.99 37.08 28.40
N THR D 93 9.15 36.51 28.76
CA THR D 93 10.42 37.12 28.36
C THR D 93 10.58 37.12 26.85
N MET D 94 10.18 36.02 26.19
CA MET D 94 10.26 35.97 24.73
C MET D 94 9.34 37.00 24.09
N LEU D 95 8.13 37.16 24.62
CA LEU D 95 7.19 38.12 24.05
C LEU D 95 7.72 39.54 24.15
N ARG D 96 8.30 39.90 25.30
CA ARG D 96 8.90 41.23 25.44
C ARG D 96 10.14 41.36 24.57
N LYS D 97 10.85 40.26 24.32
CA LYS D 97 12.05 40.31 23.48
C LYS D 97 11.70 40.50 22.01
N LEU D 98 10.51 40.04 21.59
CA LEU D 98 10.15 40.11 20.18
C LEU D 98 10.01 41.56 19.71
N ASP D 99 9.45 42.42 20.55
CA ASP D 99 9.25 43.83 20.24
C ASP D 99 8.40 44.01 18.98
N ASN D 100 7.16 43.51 19.07
CA ASN D 100 6.18 43.65 18.00
C ASN D 100 5.08 44.60 18.47
N ASP D 101 4.72 45.55 17.62
CA ASP D 101 3.72 46.55 17.99
C ASP D 101 2.36 45.90 18.26
N ALA D 102 1.95 44.95 17.40
CA ALA D 102 0.69 44.25 17.63
C ALA D 102 0.76 43.38 18.88
N LEU D 103 1.89 42.70 19.10
CA LEU D 103 2.03 41.88 20.30
C LEU D 103 2.04 42.75 21.55
N ASN D 104 2.73 43.90 21.50
CA ASN D 104 2.79 44.77 22.67
C ASN D 104 1.45 45.46 22.92
N ASN D 105 0.66 45.70 21.88
CA ASN D 105 -0.61 46.40 22.06
C ASN D 105 -1.59 45.56 22.88
N ILE D 106 -1.70 44.27 22.56
CA ILE D 106 -2.69 43.43 23.23
C ILE D 106 -2.27 43.12 24.66
N ILE D 107 -0.96 42.93 24.90
CA ILE D 107 -0.50 42.60 26.25
C ILE D 107 -0.72 43.77 27.20
N ASN D 108 -0.56 45.00 26.73
CA ASN D 108 -0.87 46.16 27.57
C ASN D 108 -2.38 46.32 27.75
N ASN D 109 -3.16 45.99 26.72
CA ASN D 109 -4.62 46.08 26.84
C ASN D 109 -5.14 45.11 27.88
N ALA D 110 -4.61 43.89 27.92
CA ALA D 110 -5.03 42.91 28.90
C ALA D 110 -4.50 43.21 30.30
N ARG D 111 -3.40 43.94 30.39
CA ARG D 111 -2.81 44.28 31.69
C ARG D 111 -3.67 45.31 32.43
#